data_1IGF
#
_entry.id   1IGF
#
_cell.length_a   98.000
_cell.length_b   151.700
_cell.length_c   80.800
_cell.angle_alpha   90.00
_cell.angle_beta   90.00
_cell.angle_gamma   90.00
#
_symmetry.space_group_name_H-M   'P 21 21 21'
#
loop_
_entity.id
_entity.type
_entity.pdbx_description
1 polymer 'IGG1-KAPPA B13I2 FAB (LIGHT CHAIN)'
2 polymer 'IGG1-KAPPA B13I2 FAB (HEAVY CHAIN)'
3 non-polymer 2-acetamido-2-deoxy-beta-D-glucopyranose
#
loop_
_entity_poly.entity_id
_entity_poly.type
_entity_poly.pdbx_seq_one_letter_code
_entity_poly.pdbx_strand_id
1 'polypeptide(L)'
;DVLMTQTPLSLPVSLGDQASISCRSNQTILLSDGDTYLEWYLQKPGQSPKLLIYKVSNRFSGVPDRFSGSGSGTDFTLKI
SRVEAEDLGVYYCFQGSHVPPTFGGGTKLEIKRADAAPTVSIFPPSSEQLTSGGASVVCFLNNFYPKDINVKWKIDGSER
QNGVLNSWTDQDSKDSTYSMSSTLTLTKDEYERHNSYTCEATHKTSTSPIVKSFNRNEC
;
L,M
2 'polypeptide(L)'
;EVQLVESGGDLVKPGGSLKLSCAASGFTFSRCAMSWVRQTPEKRLEWVAGISSGGSYTFYPDTVKGRFIISRNNARNTLS
LQMSSLRSEDTAIYYCTRYSSDPFYFDYWGQGTTLTVSSAKTTPPSVYPLAPGSAAQTNSMVTLGCLVKGYFPEPVTVTW
NSGSLSSGVHTFPAVLQSDLYTLSSSVTVPSSPRPSETVTCNVAHPASSTKVDKKIVPRDC
;
H,J
#
# COMPACT_ATOMS: atom_id res chain seq x y z
N ASP A 1 -5.09 -29.15 19.11
CA ASP A 1 -3.89 -28.62 19.74
C ASP A 1 -4.52 -27.28 20.07
N VAL A 2 -4.46 -26.83 21.30
CA VAL A 2 -5.20 -25.63 21.69
C VAL A 2 -4.68 -24.42 20.90
N LEU A 3 -5.57 -23.73 20.21
CA LEU A 3 -5.23 -22.56 19.46
C LEU A 3 -5.24 -21.46 20.49
N MET A 4 -4.22 -20.58 20.41
CA MET A 4 -4.08 -19.51 21.38
C MET A 4 -3.97 -18.20 20.61
N THR A 5 -5.09 -17.46 20.54
CA THR A 5 -5.14 -16.18 19.87
C THR A 5 -4.73 -15.09 20.82
N GLN A 6 -3.75 -14.33 20.33
CA GLN A 6 -3.21 -13.24 21.09
C GLN A 6 -3.61 -11.99 20.35
N THR A 7 -3.87 -10.93 21.10
CA THR A 7 -4.05 -9.62 20.51
C THR A 7 -3.77 -8.61 21.58
N PRO A 8 -3.26 -7.44 21.21
CA PRO A 8 -2.84 -7.10 19.86
C PRO A 8 -1.51 -7.59 19.30
N LEU A 9 -1.52 -7.41 18.00
CA LEU A 9 -0.36 -7.66 17.18
C LEU A 9 0.77 -6.80 17.72
N SER A 10 0.47 -5.54 18.02
CA SER A 10 1.48 -4.65 18.53
C SER A 10 0.79 -3.65 19.42
N LEU A 11 1.38 -3.36 20.55
CA LEU A 11 0.74 -2.47 21.47
C LEU A 11 1.68 -1.30 21.60
N PRO A 12 1.29 -0.12 21.14
CA PRO A 12 2.18 1.03 21.13
C PRO A 12 1.99 1.79 22.42
N VAL A 13 2.78 1.59 23.45
CA VAL A 13 2.50 2.20 24.74
C VAL A 13 3.50 3.32 24.94
N SER A 14 3.24 4.32 25.75
CA SER A 14 4.32 5.27 26.05
C SER A 14 4.89 4.85 27.38
N LEU A 15 6.10 5.31 27.67
CA LEU A 15 6.73 5.02 28.93
C LEU A 15 5.86 5.63 30.02
N GLY A 16 5.58 4.93 31.12
CA GLY A 16 4.77 5.48 32.17
C GLY A 16 3.38 4.94 32.05
N ASP A 17 2.89 4.51 30.90
CA ASP A 17 1.57 3.95 30.91
C ASP A 17 1.60 2.48 31.23
N GLN A 18 0.37 2.06 31.44
CA GLN A 18 -0.02 0.70 31.74
C GLN A 18 -0.33 0.09 30.42
N ALA A 19 -0.09 -1.21 30.25
CA ALA A 19 -0.29 -1.89 28.97
C ALA A 19 -0.92 -3.26 29.19
N SER A 20 -1.85 -3.71 28.34
CA SER A 20 -2.40 -5.01 28.61
C SER A 20 -2.44 -5.66 27.27
N ILE A 21 -2.02 -6.89 27.41
CA ILE A 21 -1.92 -7.86 26.34
C ILE A 21 -2.91 -8.93 26.77
N SER A 22 -3.69 -9.41 25.82
CA SER A 22 -4.67 -10.45 26.08
C SER A 22 -4.40 -11.66 25.21
N CYS A 23 -4.75 -12.82 25.73
CA CYS A 23 -4.44 -14.09 25.12
C CYS A 23 -5.63 -14.96 25.38
N ARG A 24 -6.07 -15.66 24.36
CA ARG A 24 -7.25 -16.48 24.49
C ARG A 24 -7.00 -17.88 23.93
N SER A 25 -7.43 -18.89 24.65
CA SER A 25 -7.27 -20.28 24.26
C SER A 25 -8.51 -20.78 23.58
N ASN A 26 -8.59 -21.52 22.46
CA ASN A 26 -9.89 -21.90 21.91
C ASN A 26 -10.48 -23.13 22.61
N GLN A 27 -9.89 -23.58 23.70
CA GLN A 27 -10.31 -24.72 24.51
C GLN A 27 -9.79 -24.35 25.89
N THR A 28 -10.13 -24.92 27.02
CA THR A 28 -9.69 -24.32 28.27
C THR A 28 -8.39 -24.89 28.76
N ILE A 29 -7.70 -24.02 29.47
CA ILE A 29 -6.39 -24.27 30.04
C ILE A 29 -6.49 -24.60 31.54
N LEU A 30 -7.70 -24.57 32.11
CA LEU A 30 -7.93 -25.01 33.48
C LEU A 30 -7.85 -26.52 33.52
N LEU A 31 -6.95 -26.90 34.38
CA LEU A 31 -6.70 -28.30 34.49
C LEU A 31 -7.42 -28.65 35.77
N SER A 32 -8.24 -29.70 35.68
CA SER A 32 -8.99 -30.24 36.80
C SER A 32 -8.22 -30.54 38.08
N ASP A 33 -6.91 -30.80 37.93
CA ASP A 33 -5.98 -31.16 38.98
C ASP A 33 -5.82 -30.19 40.15
N GLY A 34 -6.29 -28.97 39.98
CA GLY A 34 -6.04 -27.90 40.92
C GLY A 34 -6.05 -26.60 40.13
N ASP A 35 -5.26 -26.47 39.05
CA ASP A 35 -5.35 -25.34 38.13
C ASP A 35 -4.45 -25.43 36.91
N THR A 36 -4.55 -24.32 36.17
CA THR A 36 -3.91 -23.84 34.95
C THR A 36 -2.40 -23.58 34.88
N TYR A 37 -1.79 -23.82 33.73
CA TYR A 37 -0.38 -23.45 33.56
C TYR A 37 -0.29 -22.66 32.27
N LEU A 38 -0.73 -21.41 32.41
CA LEU A 38 -0.70 -20.39 31.37
C LEU A 38 0.43 -19.52 31.84
N GLU A 39 1.38 -19.38 30.92
CA GLU A 39 2.60 -18.62 31.09
C GLU A 39 2.73 -17.38 30.19
N TRP A 40 3.67 -16.50 30.48
CA TRP A 40 3.92 -15.32 29.69
C TRP A 40 5.43 -15.23 29.63
N TYR A 41 5.98 -15.26 28.42
CA TYR A 41 7.41 -15.21 28.11
C TYR A 41 7.67 -13.93 27.34
N LEU A 42 8.81 -13.28 27.66
CA LEU A 42 9.22 -12.02 27.03
C LEU A 42 10.42 -12.32 26.19
N GLN A 43 10.52 -11.83 24.96
CA GLN A 43 11.74 -12.00 24.17
C GLN A 43 12.29 -10.66 23.73
N LYS A 44 13.17 -10.11 24.58
CA LYS A 44 13.78 -8.81 24.32
C LYS A 44 14.69 -9.02 23.13
N PRO A 45 14.93 -8.05 22.29
CA PRO A 45 15.34 -8.31 20.91
C PRO A 45 16.77 -8.87 20.76
N GLY A 46 16.94 -9.98 20.03
CA GLY A 46 18.25 -10.60 19.89
C GLY A 46 18.63 -11.41 21.16
N GLN A 47 17.64 -11.86 21.92
CA GLN A 47 17.88 -12.66 23.11
C GLN A 47 16.88 -13.78 23.05
N SER A 48 17.09 -14.84 23.80
CA SER A 48 16.19 -15.97 23.86
C SER A 48 15.09 -15.69 24.85
N PRO A 49 13.93 -16.27 24.77
CA PRO A 49 12.84 -15.95 25.66
C PRO A 49 13.14 -16.20 27.14
N LYS A 50 12.46 -15.48 28.07
CA LYS A 50 12.55 -15.62 29.51
C LYS A 50 11.15 -15.61 30.12
N LEU A 51 10.90 -16.46 31.10
CA LEU A 51 9.65 -16.57 31.82
C LEU A 51 9.29 -15.35 32.69
N LEU A 52 8.21 -14.63 32.45
CA LEU A 52 7.85 -13.55 33.35
C LEU A 52 6.87 -14.10 34.38
N ILE A 53 5.86 -14.80 33.92
CA ILE A 53 4.76 -15.28 34.75
C ILE A 53 4.40 -16.75 34.48
N TYR A 54 4.24 -17.54 35.53
CA TYR A 54 3.83 -18.91 35.37
C TYR A 54 2.63 -19.14 36.26
N LYS A 55 1.78 -20.10 35.84
CA LYS A 55 0.54 -20.45 36.53
C LYS A 55 -0.27 -19.17 36.77
N VAL A 56 -0.28 -18.41 35.68
CA VAL A 56 -0.97 -17.14 35.44
C VAL A 56 -0.75 -15.96 36.40
N SER A 57 -0.61 -16.11 37.70
CA SER A 57 -0.41 -14.97 38.58
C SER A 57 1.02 -14.71 39.03
N ASN A 58 1.83 -15.78 39.11
CA ASN A 58 3.14 -15.68 39.78
C ASN A 58 4.32 -15.37 38.93
N ARG A 59 5.02 -14.37 39.40
CA ARG A 59 6.21 -13.94 38.70
C ARG A 59 7.42 -14.82 39.00
N PHE A 60 8.15 -15.12 37.96
CA PHE A 60 9.34 -15.87 38.14
C PHE A 60 10.27 -14.95 38.91
N SER A 61 11.34 -15.49 39.46
CA SER A 61 12.24 -14.67 40.25
C SER A 61 12.98 -13.64 39.37
N GLY A 62 13.13 -12.40 39.83
CA GLY A 62 13.81 -11.39 39.03
C GLY A 62 12.77 -10.40 38.57
N VAL A 63 11.75 -10.97 37.92
CA VAL A 63 10.58 -10.26 37.39
C VAL A 63 9.98 -9.29 38.38
N PRO A 64 9.78 -7.99 38.13
CA PRO A 64 9.25 -7.06 39.10
C PRO A 64 7.75 -6.91 39.07
N ASP A 65 7.23 -6.56 40.23
CA ASP A 65 5.80 -6.31 40.36
C ASP A 65 5.70 -4.99 39.67
N ARG A 66 4.98 -5.21 38.60
CA ARG A 66 4.75 -4.27 37.52
C ARG A 66 4.15 -5.20 36.51
N PHE A 67 4.78 -6.35 36.34
CA PHE A 67 4.24 -7.38 35.49
C PHE A 67 3.19 -8.10 36.31
N SER A 68 1.96 -8.26 35.81
CA SER A 68 0.91 -8.94 36.54
C SER A 68 0.08 -9.78 35.57
N GLY A 69 -0.12 -11.06 35.85
CA GLY A 69 -0.82 -11.98 34.96
C GLY A 69 -2.25 -12.18 35.44
N SER A 70 -3.16 -12.82 34.71
CA SER A 70 -4.55 -12.93 35.14
C SER A 70 -5.45 -13.65 34.14
N GLY A 71 -6.66 -13.90 34.67
CA GLY A 71 -7.72 -14.58 33.98
C GLY A 71 -7.84 -15.95 34.66
N SER A 72 -8.41 -16.90 33.95
CA SER A 72 -8.64 -18.25 34.42
C SER A 72 -9.30 -19.00 33.29
N GLY A 73 -9.21 -20.33 33.23
CA GLY A 73 -9.96 -21.04 32.21
C GLY A 73 -9.70 -20.68 30.75
N THR A 74 -10.23 -19.61 30.17
CA THR A 74 -10.00 -19.38 28.76
C THR A 74 -9.47 -18.00 28.35
N ASP A 75 -9.79 -16.94 29.09
CA ASP A 75 -9.30 -15.59 28.80
C ASP A 75 -8.11 -15.36 29.72
N PHE A 76 -6.99 -14.79 29.23
CA PHE A 76 -5.84 -14.53 30.07
C PHE A 76 -5.29 -13.16 29.74
N THR A 77 -4.82 -12.37 30.70
CA THR A 77 -4.36 -11.00 30.51
C THR A 77 -2.96 -10.76 31.13
N LEU A 78 -2.14 -9.79 30.68
CA LEU A 78 -0.84 -9.50 31.27
C LEU A 78 -0.82 -8.01 31.23
N LYS A 79 -0.59 -7.43 32.37
CA LYS A 79 -0.70 -6.01 32.45
C LYS A 79 0.66 -5.62 32.92
N ILE A 80 1.29 -4.68 32.22
CA ILE A 80 2.58 -4.11 32.64
C ILE A 80 2.13 -2.76 33.20
N SER A 81 2.33 -2.47 34.47
CA SER A 81 1.75 -1.29 35.06
C SER A 81 2.32 0.02 34.62
N ARG A 82 3.61 0.23 34.55
CA ARG A 82 4.07 1.53 34.08
C ARG A 82 5.41 1.23 33.46
N VAL A 83 5.26 1.34 32.14
CA VAL A 83 6.26 0.87 31.22
C VAL A 83 7.52 1.67 31.27
N GLU A 84 8.61 0.94 31.39
CA GLU A 84 9.97 1.44 31.37
C GLU A 84 10.53 1.11 30.01
N ALA A 85 11.57 1.83 29.66
CA ALA A 85 12.09 1.72 28.31
C ALA A 85 12.60 0.38 27.93
N GLU A 86 12.94 -0.41 28.93
CA GLU A 86 13.54 -1.67 28.58
C GLU A 86 12.50 -2.76 28.79
N ASP A 87 11.31 -2.52 28.23
CA ASP A 87 10.29 -3.56 28.22
C ASP A 87 9.98 -4.07 26.84
N LEU A 88 10.45 -3.32 25.83
CA LEU A 88 10.44 -3.63 24.39
C LEU A 88 10.87 -5.10 24.11
N GLY A 89 9.99 -5.80 23.43
CA GLY A 89 10.20 -7.20 23.11
C GLY A 89 8.87 -7.78 22.64
N VAL A 90 8.82 -9.09 22.50
CA VAL A 90 7.59 -9.69 22.07
C VAL A 90 7.16 -10.59 23.20
N TYR A 91 5.91 -10.47 23.60
CA TYR A 91 5.39 -11.29 24.67
C TYR A 91 4.66 -12.46 24.03
N TYR A 92 4.92 -13.69 24.48
CA TYR A 92 4.19 -14.84 24.00
C TYR A 92 3.56 -15.44 25.23
N CYS A 93 2.26 -15.69 25.28
CA CYS A 93 1.62 -16.43 26.36
C CYS A 93 1.79 -17.87 25.95
N PHE A 94 1.68 -18.80 26.90
CA PHE A 94 1.92 -20.22 26.61
C PHE A 94 1.01 -21.01 27.45
N GLN A 95 0.76 -22.25 27.05
CA GLN A 95 -0.04 -23.17 27.84
C GLN A 95 0.67 -24.52 27.93
N GLY A 96 0.78 -24.98 29.15
CA GLY A 96 1.39 -26.25 29.37
C GLY A 96 0.37 -27.24 29.83
N SER A 97 -0.85 -26.84 30.21
CA SER A 97 -1.80 -27.82 30.73
C SER A 97 -2.32 -28.83 29.70
N HIS A 98 -2.14 -28.73 28.37
CA HIS A 98 -2.65 -29.73 27.43
C HIS A 98 -1.70 -30.15 26.31
N VAL A 99 -1.25 -31.42 26.27
CA VAL A 99 -0.31 -31.92 25.25
C VAL A 99 -0.79 -31.86 23.80
N PRO A 100 -0.04 -31.35 22.80
CA PRO A 100 1.26 -30.69 22.92
C PRO A 100 1.13 -29.24 23.31
N PRO A 101 2.05 -28.72 24.13
CA PRO A 101 2.00 -27.39 24.72
C PRO A 101 1.98 -26.36 23.61
N THR A 102 1.37 -25.19 23.76
CA THR A 102 1.40 -24.28 22.63
C THR A 102 1.46 -22.83 23.05
N PHE A 103 2.06 -22.07 22.15
CA PHE A 103 2.35 -20.67 22.37
C PHE A 103 1.46 -19.81 21.49
N GLY A 104 1.32 -18.60 22.06
CA GLY A 104 0.69 -17.51 21.36
C GLY A 104 1.56 -17.08 20.17
N GLY A 105 0.95 -16.36 19.27
CA GLY A 105 1.68 -15.77 18.17
C GLY A 105 2.52 -14.55 18.58
N GLY A 106 2.33 -13.91 19.73
CA GLY A 106 3.17 -12.76 20.02
C GLY A 106 2.44 -11.41 20.04
N THR A 107 2.97 -10.49 20.84
CA THR A 107 2.51 -9.11 20.85
C THR A 107 3.82 -8.38 21.00
N LYS A 108 4.03 -7.45 20.07
CA LYS A 108 5.24 -6.63 19.99
C LYS A 108 4.87 -5.35 20.72
N LEU A 109 5.63 -5.02 21.77
CA LEU A 109 5.41 -3.85 22.59
C LEU A 109 6.32 -2.80 21.94
N GLU A 110 5.73 -1.69 21.49
CA GLU A 110 6.47 -0.62 20.87
C GLU A 110 6.43 0.56 21.84
N ILE A 111 7.60 1.08 22.17
CA ILE A 111 7.73 2.22 23.05
C ILE A 111 7.36 3.41 22.21
N LYS A 112 6.39 4.27 22.51
CA LYS A 112 6.22 5.37 21.61
C LYS A 112 6.74 6.66 22.17
N ARG A 113 7.86 6.94 21.45
CA ARG A 113 8.65 8.16 21.63
C ARG A 113 8.03 9.28 20.83
N ALA A 114 8.59 10.51 20.91
CA ALA A 114 8.10 11.66 20.14
C ALA A 114 8.41 11.42 18.69
N ASP A 115 7.72 12.09 17.78
CA ASP A 115 8.01 11.94 16.36
C ASP A 115 9.45 12.28 15.99
N ALA A 116 10.11 11.50 15.14
CA ALA A 116 11.47 11.83 14.74
C ALA A 116 11.49 11.61 13.25
N ALA A 117 12.24 12.45 12.58
CA ALA A 117 12.19 12.51 11.15
C ALA A 117 13.46 11.83 10.68
N PRO A 118 13.40 11.05 9.57
CA PRO A 118 14.50 10.37 8.94
C PRO A 118 15.60 11.29 8.57
N THR A 119 16.77 10.72 8.61
CA THR A 119 17.96 11.42 8.22
C THR A 119 18.25 10.63 6.96
N VAL A 120 18.05 11.21 5.78
CA VAL A 120 18.16 10.44 4.54
C VAL A 120 19.52 10.59 3.88
N SER A 121 20.18 9.53 3.36
CA SER A 121 21.49 9.59 2.68
C SER A 121 21.45 8.65 1.48
N ILE A 122 21.97 9.04 0.31
CA ILE A 122 21.89 8.25 -0.94
C ILE A 122 23.29 7.99 -1.46
N PHE A 123 23.51 6.78 -1.93
CA PHE A 123 24.82 6.36 -2.40
C PHE A 123 24.69 5.99 -3.87
N PRO A 124 25.54 6.55 -4.75
CA PRO A 124 25.92 5.96 -6.04
C PRO A 124 26.46 4.53 -6.02
N PRO A 125 26.36 3.67 -7.05
CA PRO A 125 26.95 2.35 -7.04
C PRO A 125 28.47 2.42 -6.98
N SER A 126 29.14 1.45 -6.36
CA SER A 126 30.60 1.40 -6.36
C SER A 126 31.10 0.95 -7.73
N SER A 127 32.25 1.47 -8.13
CA SER A 127 32.98 1.08 -9.33
C SER A 127 33.24 -0.40 -9.32
N GLU A 128 33.55 -0.98 -8.16
CA GLU A 128 33.77 -2.40 -8.06
C GLU A 128 32.49 -3.12 -8.50
N GLN A 129 31.31 -2.66 -8.04
CA GLN A 129 30.09 -3.35 -8.42
C GLN A 129 29.82 -3.17 -9.88
N LEU A 130 30.15 -1.94 -10.28
CA LEU A 130 29.88 -1.51 -11.61
C LEU A 130 30.76 -2.25 -12.56
N THR A 131 32.03 -2.55 -12.21
CA THR A 131 32.91 -3.22 -13.14
C THR A 131 32.60 -4.70 -13.26
N SER A 132 31.72 -5.18 -12.41
CA SER A 132 31.24 -6.51 -12.67
C SER A 132 29.76 -6.57 -13.01
N GLY A 133 29.31 -5.55 -13.77
CA GLY A 133 28.02 -5.53 -14.44
C GLY A 133 26.80 -5.05 -13.67
N GLY A 134 26.84 -4.73 -12.38
CA GLY A 134 25.61 -4.42 -11.67
C GLY A 134 25.61 -3.03 -11.10
N ALA A 135 24.45 -2.56 -10.71
CA ALA A 135 24.39 -1.27 -10.07
C ALA A 135 23.34 -1.31 -8.97
N SER A 136 23.68 -1.06 -7.71
CA SER A 136 22.67 -1.00 -6.68
C SER A 136 22.90 0.40 -6.15
N VAL A 137 21.88 1.24 -6.15
CA VAL A 137 22.06 2.58 -5.64
C VAL A 137 21.28 2.47 -4.35
N VAL A 138 21.84 2.85 -3.20
CA VAL A 138 21.16 2.57 -1.93
C VAL A 138 20.97 3.83 -1.09
N CYS A 139 19.79 3.81 -0.51
CA CYS A 139 19.29 4.94 0.22
C CYS A 139 19.04 4.45 1.63
N PHE A 140 19.63 5.17 2.57
CA PHE A 140 19.48 4.85 3.97
C PHE A 140 18.58 5.93 4.54
N LEU A 141 17.50 5.62 5.25
CA LEU A 141 16.65 6.65 5.84
C LEU A 141 16.78 6.26 7.30
N ASN A 142 17.56 7.01 8.07
CA ASN A 142 17.85 6.57 9.43
C ASN A 142 17.21 7.36 10.53
N ASN A 143 16.96 6.68 11.64
CA ASN A 143 16.53 7.30 12.88
C ASN A 143 15.22 8.08 12.86
N PHE A 144 14.09 7.38 12.78
CA PHE A 144 12.82 8.08 12.71
C PHE A 144 11.78 7.37 13.52
N TYR A 145 10.67 8.04 13.76
CA TYR A 145 9.52 7.49 14.47
C TYR A 145 8.35 8.30 13.95
N PRO A 146 7.15 7.79 13.68
CA PRO A 146 6.85 6.38 13.62
C PRO A 146 7.43 5.64 12.45
N LYS A 147 7.35 4.31 12.57
CA LYS A 147 7.92 3.38 11.61
C LYS A 147 7.43 3.55 10.18
N ASP A 148 6.20 4.02 10.06
CA ASP A 148 5.58 4.29 8.77
C ASP A 148 6.20 5.36 7.91
N ILE A 149 6.58 4.89 6.72
CA ILE A 149 7.29 5.75 5.81
C ILE A 149 7.14 5.19 4.44
N ASN A 150 7.16 6.04 3.41
CA ASN A 150 7.03 5.57 2.03
C ASN A 150 8.26 6.07 1.28
N VAL A 151 8.96 5.23 0.53
CA VAL A 151 10.06 5.74 -0.27
C VAL A 151 9.74 5.44 -1.73
N LYS A 152 10.13 6.29 -2.66
CA LYS A 152 9.99 5.96 -4.08
C LYS A 152 11.29 6.38 -4.77
N TRP A 153 11.66 5.49 -5.68
CA TRP A 153 12.85 5.67 -6.47
C TRP A 153 12.58 6.43 -7.76
N LYS A 154 13.16 7.58 -8.03
CA LYS A 154 12.96 8.13 -9.34
C LYS A 154 14.23 8.03 -10.16
N ILE A 155 14.15 7.41 -11.32
CA ILE A 155 15.23 7.47 -12.29
C ILE A 155 14.87 8.59 -13.31
N ASP A 156 15.64 9.66 -13.59
CA ASP A 156 15.35 10.72 -14.60
C ASP A 156 14.02 11.40 -14.38
N GLY A 157 13.72 11.39 -13.08
CA GLY A 157 12.50 11.92 -12.51
C GLY A 157 11.25 11.18 -12.93
N SER A 158 11.36 10.43 -13.99
CA SER A 158 10.19 10.00 -14.65
C SER A 158 9.92 8.76 -13.97
N GLU A 159 10.94 7.94 -14.20
CA GLU A 159 10.87 6.62 -13.70
C GLU A 159 10.83 6.87 -12.21
N ARG A 160 9.61 6.59 -11.80
CA ARG A 160 9.48 6.14 -10.47
C ARG A 160 9.75 4.70 -10.92
N GLN A 161 10.76 3.99 -10.41
CA GLN A 161 10.91 2.63 -10.82
C GLN A 161 10.53 1.60 -9.74
N ASN A 162 10.18 0.39 -10.21
CA ASN A 162 10.10 -0.76 -9.33
C ASN A 162 10.90 -2.05 -9.66
N GLY A 163 12.00 -2.26 -8.89
CA GLY A 163 13.05 -3.33 -8.86
C GLY A 163 13.90 -3.22 -7.53
N VAL A 164 13.26 -3.00 -6.37
CA VAL A 164 13.88 -2.46 -5.17
C VAL A 164 13.59 -3.25 -3.91
N LEU A 165 14.58 -3.33 -3.03
CA LEU A 165 14.51 -4.06 -1.78
C LEU A 165 14.46 -3.11 -0.61
N ASN A 166 13.64 -3.37 0.41
CA ASN A 166 13.61 -2.47 1.54
C ASN A 166 13.86 -3.28 2.79
N SER A 167 14.32 -2.63 3.85
CA SER A 167 14.55 -3.32 5.10
C SER A 167 14.53 -2.36 6.28
N TRP A 168 13.75 -2.74 7.29
CA TRP A 168 13.65 -1.99 8.50
C TRP A 168 14.33 -2.70 9.66
N THR A 169 14.78 -1.98 10.65
CA THR A 169 15.30 -2.62 11.82
C THR A 169 14.12 -2.67 12.77
N ASP A 170 14.36 -3.32 13.89
CA ASP A 170 13.38 -3.35 14.95
C ASP A 170 13.56 -2.00 15.59
N GLN A 171 12.71 -1.71 16.57
CA GLN A 171 12.80 -0.44 17.24
C GLN A 171 14.11 -0.45 18.02
N ASP A 172 14.94 0.59 17.88
CA ASP A 172 16.25 0.58 18.50
C ASP A 172 16.19 0.73 19.99
N SER A 173 16.59 -0.30 20.70
CA SER A 173 16.64 -0.33 22.16
C SER A 173 17.12 0.92 22.87
N LYS A 174 18.17 1.54 22.33
CA LYS A 174 18.72 2.71 22.95
C LYS A 174 17.98 4.00 22.62
N ASP A 175 17.03 4.15 21.68
CA ASP A 175 16.26 5.41 21.55
C ASP A 175 14.89 5.33 20.84
N SER A 176 14.26 4.15 20.77
CA SER A 176 12.96 3.91 20.18
C SER A 176 12.68 4.34 18.73
N THR A 177 13.69 4.51 17.88
CA THR A 177 13.54 4.86 16.46
C THR A 177 13.58 3.68 15.54
N TYR A 178 13.60 3.84 14.24
CA TYR A 178 13.75 2.73 13.32
C TYR A 178 14.71 3.19 12.25
N SER A 179 15.10 2.24 11.44
CA SER A 179 15.88 2.58 10.31
C SER A 179 15.39 1.84 9.12
N MET A 180 15.75 2.31 7.95
CA MET A 180 15.20 1.73 6.78
C MET A 180 16.28 1.84 5.75
N SER A 181 16.31 0.90 4.86
CA SER A 181 17.26 0.93 3.81
C SER A 181 16.41 0.56 2.62
N SER A 182 16.70 1.18 1.47
CA SER A 182 16.08 0.84 0.23
C SER A 182 17.18 0.77 -0.84
N THR A 183 17.15 -0.20 -1.71
CA THR A 183 18.24 -0.46 -2.64
C THR A 183 17.62 -0.66 -4.02
N LEU A 184 18.02 0.15 -5.01
CA LEU A 184 17.43 0.04 -6.33
C LEU A 184 18.45 -0.79 -7.05
N THR A 185 18.16 -1.98 -7.58
CA THR A 185 19.21 -2.68 -8.30
C THR A 185 18.97 -2.70 -9.82
N LEU A 186 19.92 -2.25 -10.62
CA LEU A 186 19.81 -2.13 -12.05
C LEU A 186 21.06 -2.75 -12.61
N THR A 187 21.09 -2.88 -13.94
CA THR A 187 22.28 -3.39 -14.60
C THR A 187 23.11 -2.16 -14.90
N LYS A 188 24.38 -2.41 -15.23
CA LYS A 188 25.29 -1.36 -15.66
C LYS A 188 24.63 -0.62 -16.84
N ASP A 189 24.12 -1.29 -17.89
CA ASP A 189 23.59 -0.56 -19.04
C ASP A 189 22.46 0.39 -18.71
N GLU A 190 21.47 -0.19 -18.03
CA GLU A 190 20.26 0.49 -17.61
C GLU A 190 20.65 1.73 -16.81
N TYR A 191 21.64 1.48 -15.93
CA TYR A 191 22.20 2.41 -15.00
C TYR A 191 22.82 3.50 -15.79
N GLU A 192 23.60 3.16 -16.79
CA GLU A 192 24.30 4.22 -17.44
C GLU A 192 23.44 4.95 -18.45
N ARG A 193 22.19 4.54 -18.70
CA ARG A 193 21.32 5.27 -19.64
C ARG A 193 20.78 6.60 -19.14
N HIS A 194 20.66 6.64 -17.83
CA HIS A 194 19.93 7.72 -17.26
C HIS A 194 20.91 8.68 -16.60
N ASN A 195 20.53 9.79 -15.97
CA ASN A 195 21.50 10.73 -15.41
C ASN A 195 21.14 11.02 -13.97
N SER A 196 19.95 11.46 -13.60
CA SER A 196 19.65 11.80 -12.22
C SER A 196 18.94 10.63 -11.57
N TYR A 197 19.34 10.25 -10.35
CA TYR A 197 18.73 9.17 -9.54
C TYR A 197 18.23 9.76 -8.20
N THR A 198 17.12 9.26 -7.66
CA THR A 198 16.40 9.95 -6.60
C THR A 198 15.76 9.00 -5.63
N CYS A 199 15.88 9.44 -4.39
CA CYS A 199 15.39 8.74 -3.25
C CYS A 199 14.30 9.64 -2.65
N GLU A 200 13.00 9.36 -2.76
CA GLU A 200 11.97 10.25 -2.20
C GLU A 200 11.21 9.72 -0.96
N ALA A 201 11.36 10.38 0.18
CA ALA A 201 10.74 9.87 1.40
C ALA A 201 9.46 10.60 1.82
N THR A 202 8.34 9.97 2.14
CA THR A 202 7.22 10.72 2.67
C THR A 202 6.84 10.08 4.01
N HIS A 203 6.73 10.87 5.09
CA HIS A 203 6.59 10.37 6.48
C HIS A 203 6.09 11.40 7.49
N LYS A 204 5.06 11.10 8.32
CA LYS A 204 4.41 12.05 9.23
C LYS A 204 5.09 13.33 9.75
N THR A 205 6.34 13.27 10.17
CA THR A 205 7.08 14.45 10.61
C THR A 205 7.14 15.61 9.60
N SER A 206 7.14 15.36 8.29
CA SER A 206 7.23 16.45 7.35
C SER A 206 6.00 16.30 6.50
N THR A 207 5.55 17.49 6.18
CA THR A 207 4.47 17.64 5.25
C THR A 207 5.00 17.87 3.82
N SER A 208 6.31 17.88 3.54
CA SER A 208 6.77 17.82 2.15
C SER A 208 7.58 16.54 2.09
N PRO A 209 7.63 15.87 0.95
CA PRO A 209 8.58 14.81 0.68
C PRO A 209 9.99 15.16 1.06
N ILE A 210 10.87 14.22 1.44
CA ILE A 210 12.25 14.52 1.77
C ILE A 210 12.96 13.97 0.55
N VAL A 211 13.58 14.76 -0.32
CA VAL A 211 14.07 14.19 -1.57
C VAL A 211 15.57 14.17 -1.56
N LYS A 212 16.26 13.16 -2.09
CA LYS A 212 17.70 13.11 -2.05
C LYS A 212 18.12 12.55 -3.39
N SER A 213 18.97 13.27 -4.12
CA SER A 213 19.38 12.87 -5.46
C SER A 213 20.83 13.04 -5.76
N PHE A 214 21.33 12.34 -6.80
CA PHE A 214 22.68 12.52 -7.27
C PHE A 214 22.63 12.47 -8.80
N ASN A 215 23.38 13.28 -9.57
CA ASN A 215 23.35 13.13 -11.03
C ASN A 215 24.47 12.21 -11.37
N ARG A 216 24.35 11.31 -12.31
CA ARG A 216 25.34 10.28 -12.44
C ARG A 216 26.44 10.58 -13.42
N ASN A 217 27.13 11.68 -13.15
CA ASN A 217 28.21 12.19 -14.00
C ASN A 217 28.64 13.58 -13.61
N GLU A 218 27.96 14.27 -12.68
CA GLU A 218 28.28 15.64 -12.29
C GLU A 218 29.71 15.88 -11.79
N CYS A 219 30.25 16.84 -12.53
CA CYS A 219 31.66 17.18 -12.60
C CYS A 219 32.01 18.61 -12.18
N GLU B 1 24.29 -19.86 37.95
CA GLU B 1 24.22 -19.51 36.55
C GLU B 1 23.63 -20.79 35.98
N VAL B 2 22.49 -20.83 35.32
CA VAL B 2 22.09 -22.06 34.66
C VAL B 2 22.52 -21.63 33.27
N GLN B 3 23.00 -22.56 32.46
CA GLN B 3 23.50 -22.26 31.14
C GLN B 3 23.04 -23.35 30.20
N LEU B 4 22.47 -23.12 29.02
CA LEU B 4 22.14 -24.23 28.15
C LEU B 4 22.80 -23.77 26.87
N VAL B 5 23.81 -24.44 26.31
CA VAL B 5 24.56 -23.97 25.15
C VAL B 5 24.35 -25.01 24.06
N GLU B 6 23.77 -24.66 22.93
CA GLU B 6 23.41 -25.63 21.92
C GLU B 6 24.52 -25.60 20.89
N SER B 7 24.52 -26.65 20.08
CA SER B 7 25.58 -26.90 19.13
C SER B 7 24.99 -27.76 18.04
N GLY B 8 25.34 -27.64 16.75
CA GLY B 8 24.88 -28.63 15.80
C GLY B 8 24.28 -28.18 14.52
N GLY B 9 23.47 -27.16 14.60
CA GLY B 9 22.80 -26.66 13.40
C GLY B 9 23.76 -26.26 12.30
N ASP B 10 23.36 -26.46 11.06
CA ASP B 10 24.21 -26.27 9.92
C ASP B 10 23.25 -26.22 8.75
N LEU B 11 23.72 -26.07 7.53
CA LEU B 11 22.84 -26.14 6.38
C LEU B 11 22.77 -27.59 5.92
N VAL B 12 21.56 -28.09 5.70
CA VAL B 12 21.34 -29.45 5.26
C VAL B 12 20.38 -29.40 4.07
N LYS B 13 20.68 -30.24 3.09
CA LYS B 13 19.80 -30.43 1.94
C LYS B 13 18.57 -31.23 2.38
N PRO B 14 17.40 -31.00 1.80
CA PRO B 14 16.10 -31.49 2.24
C PRO B 14 15.73 -32.95 2.53
N GLY B 15 16.63 -33.91 2.52
CA GLY B 15 16.25 -35.24 2.99
C GLY B 15 17.22 -35.65 4.10
N GLY B 16 18.23 -34.80 4.29
CA GLY B 16 19.35 -35.10 5.13
C GLY B 16 18.95 -35.26 6.57
N SER B 17 20.02 -35.57 7.26
CA SER B 17 19.85 -35.88 8.65
C SER B 17 20.96 -35.22 9.43
N LEU B 18 20.61 -34.78 10.64
CA LEU B 18 21.49 -34.01 11.48
C LEU B 18 21.11 -34.29 12.93
N LYS B 19 22.10 -34.48 13.78
CA LYS B 19 21.87 -34.58 15.20
C LYS B 19 22.30 -33.22 15.82
N LEU B 20 21.40 -32.46 16.42
CA LEU B 20 21.74 -31.24 17.13
C LEU B 20 22.09 -31.69 18.52
N SER B 21 22.75 -30.86 19.31
CA SER B 21 23.12 -31.21 20.67
C SER B 21 23.10 -30.03 21.62
N CYS B 22 22.92 -30.25 22.91
CA CYS B 22 22.84 -29.21 23.90
C CYS B 22 23.61 -29.71 25.10
N ALA B 23 24.28 -28.84 25.86
CA ALA B 23 24.98 -29.26 27.06
C ALA B 23 24.53 -28.38 28.19
N ALA B 24 24.29 -28.90 29.38
CA ALA B 24 23.78 -28.06 30.43
C ALA B 24 24.76 -27.93 31.59
N SER B 25 24.53 -26.90 32.41
CA SER B 25 25.38 -26.61 33.56
C SER B 25 24.76 -25.64 34.55
N GLY B 26 25.23 -25.74 35.77
CA GLY B 26 24.70 -24.87 36.78
C GLY B 26 23.60 -25.51 37.56
N PHE B 27 22.90 -26.49 37.00
CA PHE B 27 21.83 -27.13 37.75
C PHE B 27 22.05 -28.62 37.85
N THR B 28 21.20 -29.26 38.64
CA THR B 28 21.23 -30.69 38.88
C THR B 28 20.57 -31.41 37.72
N PHE B 29 21.26 -31.66 36.60
CA PHE B 29 20.63 -32.10 35.36
C PHE B 29 19.48 -33.11 35.43
N SER B 30 19.65 -34.20 36.16
CA SER B 30 18.66 -35.26 36.21
C SER B 30 17.40 -34.83 36.92
N ARG B 31 17.45 -33.97 37.93
CA ARG B 31 16.24 -33.58 38.62
C ARG B 31 15.35 -32.88 37.64
N CYS B 32 15.91 -32.38 36.55
CA CYS B 32 15.19 -31.51 35.69
C CYS B 32 14.94 -32.13 34.32
N ALA B 33 13.70 -31.97 33.84
CA ALA B 33 13.25 -32.47 32.53
C ALA B 33 13.65 -31.51 31.44
N MET B 34 13.78 -31.93 30.18
CA MET B 34 14.26 -31.05 29.14
C MET B 34 13.41 -30.98 27.88
N SER B 35 13.73 -30.06 26.95
CA SER B 35 12.99 -29.85 25.74
C SER B 35 13.77 -29.25 24.61
N TRP B 36 13.27 -29.40 23.40
CA TRP B 36 13.78 -28.63 22.30
C TRP B 36 12.56 -27.88 21.81
N VAL B 37 12.62 -26.58 21.52
CA VAL B 37 11.52 -25.78 20.96
C VAL B 37 12.18 -24.91 19.86
N ARG B 38 11.50 -24.62 18.75
CA ARG B 38 12.09 -23.95 17.58
C ARG B 38 11.35 -22.67 17.31
N GLN B 39 12.05 -21.67 16.78
CA GLN B 39 11.41 -20.42 16.45
C GLN B 39 11.58 -20.32 14.96
N THR B 40 10.52 -20.24 14.16
CA THR B 40 10.73 -20.21 12.74
C THR B 40 11.00 -18.80 12.22
N PRO B 41 11.32 -18.60 10.94
CA PRO B 41 10.87 -17.50 10.10
C PRO B 41 9.89 -16.48 10.63
N GLU B 42 8.53 -16.49 10.65
CA GLU B 42 7.82 -15.33 11.26
C GLU B 42 7.63 -15.49 12.76
N LYS B 43 8.77 -15.65 13.42
CA LYS B 43 8.90 -15.79 14.86
C LYS B 43 7.93 -16.67 15.63
N ARG B 44 7.21 -17.60 14.99
CA ARG B 44 6.31 -18.48 15.67
C ARG B 44 7.16 -19.49 16.42
N LEU B 45 6.82 -19.77 17.67
CA LEU B 45 7.59 -20.70 18.49
C LEU B 45 6.96 -22.10 18.56
N GLU B 46 7.45 -23.19 17.98
CA GLU B 46 6.84 -24.52 18.14
C GLU B 46 7.54 -25.37 19.18
N TRP B 47 6.87 -26.07 20.11
CA TRP B 47 7.57 -27.05 20.96
C TRP B 47 7.86 -28.21 20.03
N VAL B 48 9.01 -28.85 20.21
CA VAL B 48 9.27 -29.94 19.34
C VAL B 48 9.62 -31.22 20.09
N ALA B 49 10.09 -31.33 21.35
CA ALA B 49 10.35 -32.66 21.94
C ALA B 49 10.59 -32.56 23.43
N GLY B 50 9.83 -33.28 24.24
CA GLY B 50 10.05 -33.22 25.67
C GLY B 50 10.56 -34.57 26.12
N ILE B 51 11.41 -34.63 27.13
CA ILE B 51 11.82 -35.93 27.63
C ILE B 51 11.88 -35.71 29.12
N SER B 52 11.46 -36.80 29.75
CA SER B 52 11.37 -36.93 31.18
C SER B 52 12.74 -36.82 31.81
N SER B 53 12.82 -36.62 33.12
CA SER B 53 14.11 -36.59 33.79
C SER B 53 14.91 -37.87 33.66
N GLY B 54 14.22 -39.03 33.59
CA GLY B 54 14.93 -40.28 33.50
C GLY B 54 14.94 -40.77 32.08
N GLY B 55 14.55 -40.01 31.06
CA GLY B 55 14.61 -40.48 29.70
C GLY B 55 13.71 -41.65 29.46
N SER B 56 12.77 -41.85 30.38
CA SER B 56 11.79 -42.94 30.39
C SER B 56 10.64 -42.66 29.41
N TYR B 57 9.94 -41.53 29.59
CA TYR B 57 8.86 -41.16 28.71
C TYR B 57 9.43 -39.99 27.95
N THR B 58 9.07 -40.01 26.68
CA THR B 58 9.46 -39.04 25.69
C THR B 58 8.25 -38.67 24.85
N PHE B 59 8.17 -37.38 24.52
CA PHE B 59 6.97 -36.80 23.97
C PHE B 59 7.19 -36.09 22.63
N TYR B 60 6.28 -36.05 21.66
CA TYR B 60 6.49 -35.37 20.37
C TYR B 60 5.20 -34.81 19.80
N PRO B 61 5.17 -33.72 19.04
CA PRO B 61 4.06 -33.34 18.17
C PRO B 61 4.17 -34.16 16.93
N ASP B 62 3.04 -34.39 16.32
CA ASP B 62 2.91 -35.21 15.15
C ASP B 62 3.82 -34.83 13.99
N THR B 63 4.18 -33.57 13.89
CA THR B 63 5.07 -33.03 12.86
C THR B 63 6.48 -33.62 12.82
N VAL B 64 6.89 -34.05 13.98
CA VAL B 64 8.24 -34.54 14.12
C VAL B 64 8.28 -35.96 14.67
N LYS B 65 7.11 -36.50 15.06
CA LYS B 65 7.03 -37.81 15.68
C LYS B 65 7.53 -38.81 14.64
N GLY B 66 8.47 -39.61 15.12
CA GLY B 66 9.06 -40.59 14.23
C GLY B 66 10.26 -40.02 13.51
N ARG B 67 10.27 -38.86 12.84
CA ARG B 67 11.55 -38.44 12.24
C ARG B 67 12.54 -37.68 13.12
N PHE B 68 12.24 -37.35 14.38
CA PHE B 68 13.16 -36.70 15.30
C PHE B 68 13.15 -37.54 16.52
N ILE B 69 14.27 -37.71 17.18
CA ILE B 69 14.39 -38.54 18.39
C ILE B 69 14.97 -37.57 19.39
N ILE B 70 14.63 -37.59 20.68
CA ILE B 70 15.34 -36.78 21.67
C ILE B 70 16.13 -37.80 22.53
N SER B 71 17.19 -37.46 23.27
CA SER B 71 18.01 -38.40 24.05
C SER B 71 18.58 -37.57 25.16
N ARG B 72 18.93 -38.02 26.36
CA ARG B 72 19.51 -37.11 27.32
C ARG B 72 20.66 -37.80 28.04
N ASN B 73 21.88 -37.59 27.54
CA ASN B 73 23.09 -38.34 27.94
C ASN B 73 23.61 -38.06 29.34
N ASN B 74 22.72 -37.59 30.20
CA ASN B 74 22.76 -37.51 31.65
C ASN B 74 23.99 -37.89 32.46
N ALA B 75 24.77 -38.85 32.04
CA ALA B 75 26.04 -39.14 32.68
C ALA B 75 26.90 -37.97 32.30
N ARG B 76 27.10 -37.71 31.00
CA ARG B 76 27.93 -36.62 30.55
C ARG B 76 27.27 -35.23 30.50
N ASN B 77 26.05 -35.11 31.05
CA ASN B 77 25.19 -33.93 31.08
C ASN B 77 24.85 -33.28 29.77
N THR B 78 24.85 -34.06 28.73
CA THR B 78 24.40 -33.75 27.38
C THR B 78 22.88 -33.99 27.28
N LEU B 79 22.24 -33.49 26.22
CA LEU B 79 20.86 -33.69 25.78
C LEU B 79 20.96 -33.60 24.22
N SER B 80 20.32 -34.35 23.34
CA SER B 80 20.59 -34.24 21.92
C SER B 80 19.31 -34.45 21.16
N LEU B 81 19.16 -33.97 19.93
CA LEU B 81 17.91 -34.12 19.20
C LEU B 81 18.39 -34.76 17.91
N GLN B 82 18.09 -36.03 17.59
CA GLN B 82 18.64 -36.72 16.44
C GLN B 82 17.55 -36.58 15.41
N MET B 83 17.69 -35.88 14.29
CA MET B 83 16.57 -35.70 13.37
C MET B 83 16.88 -36.13 11.98
N SER B 84 15.85 -36.53 11.23
CA SER B 84 16.05 -37.07 9.91
C SER B 84 14.99 -36.67 8.90
N SER B 85 15.22 -36.75 7.59
CA SER B 85 14.18 -36.47 6.57
C SER B 85 13.74 -35.04 6.82
N LEU B 86 14.75 -34.19 6.94
CA LEU B 86 14.46 -32.81 7.25
C LEU B 86 13.83 -32.07 6.07
N ARG B 87 12.51 -31.89 6.06
CA ARG B 87 11.89 -31.04 5.07
C ARG B 87 12.12 -29.56 5.44
N SER B 88 11.93 -28.57 4.57
CA SER B 88 12.19 -27.16 4.87
C SER B 88 11.40 -26.51 6.02
N GLU B 89 10.27 -27.05 6.47
CA GLU B 89 9.64 -26.46 7.65
C GLU B 89 10.50 -26.67 8.91
N ASP B 90 11.67 -27.32 8.85
CA ASP B 90 12.46 -27.42 10.06
C ASP B 90 13.44 -26.28 10.17
N THR B 91 13.52 -25.49 9.09
CA THR B 91 14.39 -24.34 9.04
C THR B 91 13.95 -23.42 10.16
N ALA B 92 14.81 -23.22 11.13
CA ALA B 92 14.41 -22.48 12.31
C ALA B 92 15.61 -22.42 13.24
N ILE B 93 15.41 -21.85 14.43
CA ILE B 93 16.43 -21.80 15.45
C ILE B 93 15.99 -22.73 16.59
N TYR B 94 16.80 -23.70 17.02
CA TYR B 94 16.35 -24.67 17.99
C TYR B 94 16.92 -24.33 19.32
N TYR B 95 16.07 -24.21 20.30
CA TYR B 95 16.45 -23.82 21.63
C TYR B 95 16.29 -24.94 22.63
N CYS B 96 17.40 -25.31 23.24
CA CYS B 96 17.42 -26.23 24.35
C CYS B 96 16.69 -25.55 25.53
N THR B 97 15.66 -26.17 26.05
CA THR B 97 14.91 -25.63 27.14
C THR B 97 14.85 -26.61 28.28
N ARG B 98 14.71 -26.09 29.49
CA ARG B 98 14.49 -26.96 30.63
C ARG B 98 13.18 -26.58 31.31
N TYR B 99 12.46 -27.64 31.68
CA TYR B 99 11.22 -27.52 32.39
C TYR B 99 11.49 -27.25 33.85
N SER B 100 10.44 -26.81 34.53
CA SER B 100 10.58 -26.61 35.94
C SER B 100 10.24 -27.94 36.59
N SER B 101 10.35 -27.97 37.94
CA SER B 101 10.07 -29.14 38.79
C SER B 101 8.66 -29.61 38.63
N ASP B 102 7.89 -28.76 38.00
CA ASP B 102 6.54 -29.04 37.69
C ASP B 102 6.56 -29.15 36.16
N PRO B 103 6.91 -30.28 35.60
CA PRO B 103 7.26 -30.38 34.19
C PRO B 103 6.21 -30.13 33.11
N PHE B 104 5.49 -29.01 33.12
CA PHE B 104 4.53 -28.73 32.08
C PHE B 104 4.88 -27.40 31.47
N TYR B 105 5.89 -26.64 31.95
CA TYR B 105 6.28 -25.35 31.35
C TYR B 105 7.78 -25.11 31.53
N PHE B 106 8.31 -24.25 30.66
CA PHE B 106 9.75 -24.02 30.57
C PHE B 106 10.26 -22.87 31.45
N ASP B 107 11.40 -22.89 32.13
CA ASP B 107 11.88 -21.72 32.84
C ASP B 107 13.29 -21.25 32.47
N TYR B 108 14.01 -21.94 31.56
CA TYR B 108 15.31 -21.51 31.01
C TYR B 108 15.55 -21.96 29.56
N TRP B 109 15.94 -21.01 28.69
CA TRP B 109 16.26 -21.23 27.28
C TRP B 109 17.76 -21.00 27.03
N GLY B 110 18.30 -21.84 26.16
CA GLY B 110 19.69 -21.74 25.81
C GLY B 110 19.82 -20.66 24.80
N GLN B 111 20.96 -20.62 24.14
CA GLN B 111 21.24 -19.64 23.11
C GLN B 111 20.50 -19.82 21.78
N GLY B 112 20.33 -21.07 21.31
CA GLY B 112 19.62 -21.38 20.07
C GLY B 112 20.64 -21.80 19.03
N THR B 113 20.35 -22.62 18.03
CA THR B 113 21.29 -22.98 16.95
C THR B 113 20.43 -22.87 15.76
N THR B 114 20.96 -22.50 14.63
CA THR B 114 20.04 -22.41 13.53
C THR B 114 20.29 -23.61 12.67
N LEU B 115 19.25 -23.94 11.90
CA LEU B 115 19.28 -25.01 10.96
C LEU B 115 18.58 -24.43 9.73
N THR B 116 19.18 -24.65 8.57
CA THR B 116 18.63 -24.19 7.32
C THR B 116 18.61 -25.51 6.54
N VAL B 117 17.47 -25.80 5.93
CA VAL B 117 17.30 -26.98 5.16
C VAL B 117 17.02 -26.56 3.73
N SER B 118 17.99 -26.49 2.82
CA SER B 118 17.64 -26.23 1.44
C SER B 118 18.73 -26.80 0.60
N SER B 119 18.26 -27.15 -0.58
CA SER B 119 19.08 -27.61 -1.69
C SER B 119 20.20 -26.62 -2.08
N ALA B 120 19.83 -25.31 -2.08
CA ALA B 120 20.65 -24.14 -2.43
C ALA B 120 22.08 -24.08 -1.94
N LYS B 121 23.01 -23.77 -2.84
CA LYS B 121 24.43 -23.81 -2.50
C LYS B 121 24.88 -22.60 -1.70
N THR B 122 25.68 -22.89 -0.70
CA THR B 122 26.29 -21.83 0.10
C THR B 122 27.10 -20.95 -0.88
N THR B 123 26.98 -19.62 -0.79
CA THR B 123 27.63 -18.70 -1.69
C THR B 123 28.38 -17.61 -0.89
N PRO B 124 29.69 -17.29 -1.00
CA PRO B 124 30.35 -16.24 -0.23
C PRO B 124 29.90 -14.87 -0.73
N PRO B 125 29.89 -13.81 0.11
CA PRO B 125 29.35 -12.49 -0.20
C PRO B 125 30.22 -11.68 -1.13
N SER B 126 29.68 -10.61 -1.71
CA SER B 126 30.53 -9.64 -2.42
C SER B 126 30.26 -8.32 -1.68
N VAL B 127 31.31 -7.66 -1.25
CA VAL B 127 31.13 -6.59 -0.30
C VAL B 127 31.45 -5.35 -1.10
N TYR B 128 30.61 -4.33 -1.04
CA TYR B 128 30.80 -3.14 -1.82
C TYR B 128 30.81 -1.91 -0.95
N PRO B 129 31.87 -1.11 -0.97
CA PRO B 129 32.01 0.11 -0.21
C PRO B 129 31.01 1.14 -0.65
N LEU B 130 30.35 1.79 0.29
CA LEU B 130 29.32 2.76 -0.04
C LEU B 130 29.79 4.10 0.44
N ALA B 131 30.49 4.78 -0.43
CA ALA B 131 31.07 6.07 -0.11
C ALA B 131 30.10 7.12 -0.59
N PRO B 132 29.92 8.19 0.14
CA PRO B 132 28.94 9.19 -0.16
C PRO B 132 29.30 9.85 -1.46
N GLY B 133 28.21 10.14 -2.15
CA GLY B 133 28.23 10.85 -3.41
C GLY B 133 27.17 11.90 -3.16
N SER B 134 25.92 11.44 -3.25
CA SER B 134 24.75 12.25 -2.87
C SER B 134 24.55 13.62 -3.54
N ALA B 135 23.53 14.28 -2.98
CA ALA B 135 23.22 15.71 -3.11
C ALA B 135 23.36 16.12 -1.63
N ALA B 136 23.12 17.41 -1.37
CA ALA B 136 23.34 18.06 -0.08
C ALA B 136 24.85 18.21 0.18
N GLN B 137 25.22 18.81 1.30
CA GLN B 137 26.58 19.29 1.55
C GLN B 137 27.43 18.35 2.43
N THR B 138 28.15 18.93 3.42
CA THR B 138 28.90 18.25 4.47
C THR B 138 29.03 19.34 5.55
N ASN B 139 28.78 18.94 6.81
CA ASN B 139 28.93 19.74 8.03
C ASN B 139 28.49 18.79 9.16
N SER B 140 28.94 18.98 10.39
CA SER B 140 28.70 18.04 11.49
C SER B 140 29.11 16.61 11.09
N MET B 141 28.29 15.82 10.36
CA MET B 141 28.41 14.36 10.14
C MET B 141 28.33 13.76 8.73
N VAL B 142 28.86 12.57 8.52
CA VAL B 142 28.88 11.94 7.21
C VAL B 142 28.41 10.51 7.52
N THR B 143 27.92 9.79 6.53
CA THR B 143 27.48 8.44 6.76
C THR B 143 27.85 7.71 5.50
N LEU B 144 28.49 6.58 5.78
CA LEU B 144 29.10 5.67 4.83
C LEU B 144 28.49 4.27 4.94
N GLY B 145 28.85 3.33 4.06
CA GLY B 145 28.21 2.01 4.12
C GLY B 145 28.97 0.85 3.48
N CYS B 146 28.30 -0.29 3.49
CA CYS B 146 28.84 -1.52 2.96
C CYS B 146 27.62 -2.27 2.43
N LEU B 147 27.59 -2.71 1.16
CA LEU B 147 26.46 -3.48 0.60
C LEU B 147 27.05 -4.90 0.50
N VAL B 148 26.60 -5.82 1.37
CA VAL B 148 27.11 -7.18 1.42
C VAL B 148 26.09 -7.91 0.58
N LYS B 149 26.35 -7.93 -0.72
CA LYS B 149 25.43 -8.49 -1.67
C LYS B 149 25.67 -9.95 -2.08
N GLY B 150 24.56 -10.72 -2.17
CA GLY B 150 24.53 -12.08 -2.72
C GLY B 150 25.22 -13.25 -1.98
N TYR B 151 24.66 -13.70 -0.87
CA TYR B 151 25.34 -14.72 -0.12
C TYR B 151 24.36 -15.77 0.31
N PHE B 152 24.80 -17.00 0.59
CA PHE B 152 23.93 -17.99 1.20
C PHE B 152 24.85 -18.87 2.03
N PRO B 153 24.44 -19.50 3.11
CA PRO B 153 23.33 -19.09 3.96
C PRO B 153 23.69 -18.01 4.97
N GLU B 154 22.68 -17.66 5.77
CA GLU B 154 22.86 -16.71 6.86
C GLU B 154 23.62 -17.42 7.92
N PRO B 155 24.51 -16.88 8.74
CA PRO B 155 24.67 -15.47 9.01
C PRO B 155 25.87 -14.88 8.29
N VAL B 156 26.03 -13.56 8.52
CA VAL B 156 27.21 -12.83 8.13
C VAL B 156 27.38 -11.80 9.24
N THR B 157 28.62 -11.55 9.62
CA THR B 157 29.00 -10.59 10.66
C THR B 157 29.58 -9.29 10.09
N VAL B 158 29.03 -8.13 10.45
CA VAL B 158 29.50 -6.84 9.97
C VAL B 158 29.86 -6.11 11.25
N THR B 159 31.05 -5.53 11.24
CA THR B 159 31.69 -4.78 12.32
C THR B 159 32.43 -3.66 11.58
N TRP B 160 32.48 -2.46 12.14
CA TRP B 160 33.07 -1.31 11.47
C TRP B 160 34.37 -1.07 12.15
N ASN B 161 35.46 -1.10 11.40
CA ASN B 161 36.79 -0.82 11.96
C ASN B 161 37.08 -1.71 13.14
N SER B 162 36.92 -3.00 12.81
CA SER B 162 37.17 -4.11 13.72
C SER B 162 36.50 -4.09 15.10
N GLY B 163 35.64 -3.14 15.46
CA GLY B 163 34.94 -3.16 16.73
C GLY B 163 35.10 -1.83 17.44
N SER B 164 35.99 -1.01 16.91
CA SER B 164 36.24 0.28 17.51
C SER B 164 35.19 1.32 17.19
N LEU B 165 34.32 1.07 16.21
CA LEU B 165 33.42 2.12 15.77
C LEU B 165 32.14 1.39 15.90
N SER B 166 31.40 1.89 16.86
CA SER B 166 30.14 1.32 17.29
C SER B 166 29.09 2.41 17.56
N SER B 167 29.46 3.67 17.25
CA SER B 167 28.65 4.85 17.48
C SER B 167 27.34 4.78 16.69
N GLY B 168 27.41 5.01 15.38
CA GLY B 168 26.21 5.08 14.63
C GLY B 168 26.17 3.95 13.68
N VAL B 169 26.06 2.72 14.14
CA VAL B 169 25.97 1.65 13.20
C VAL B 169 24.49 1.26 13.06
N HIS B 170 24.02 0.74 11.95
CA HIS B 170 22.72 0.09 11.88
C HIS B 170 23.06 -0.98 10.87
N THR B 171 22.81 -2.27 11.08
CA THR B 171 23.06 -3.28 10.04
C THR B 171 21.66 -3.77 9.81
N PHE B 172 21.16 -3.62 8.62
CA PHE B 172 19.79 -3.91 8.37
C PHE B 172 19.60 -5.42 8.23
N PRO B 173 18.45 -5.96 8.68
CA PRO B 173 18.04 -7.32 8.43
C PRO B 173 18.26 -7.73 6.96
N ALA B 174 18.73 -8.94 6.63
CA ALA B 174 18.94 -9.30 5.23
C ALA B 174 17.69 -9.75 4.50
N VAL B 175 17.46 -9.33 3.25
CA VAL B 175 16.33 -9.83 2.44
C VAL B 175 16.82 -10.83 1.41
N LEU B 176 15.91 -11.67 0.95
CA LEU B 176 16.33 -12.74 0.04
C LEU B 176 15.88 -12.44 -1.37
N GLN B 177 16.80 -12.37 -2.32
CA GLN B 177 16.46 -12.20 -3.73
C GLN B 177 16.21 -13.56 -4.38
N SER B 178 17.11 -14.13 -5.18
CA SER B 178 16.83 -15.37 -5.88
C SER B 178 17.74 -16.38 -5.20
N ASP B 179 17.20 -17.08 -4.19
CA ASP B 179 17.97 -17.97 -3.32
C ASP B 179 19.27 -17.34 -2.79
N LEU B 180 19.38 -16.01 -2.62
CA LEU B 180 20.61 -15.35 -2.21
C LEU B 180 20.28 -14.10 -1.40
N TYR B 181 20.92 -13.92 -0.26
CA TYR B 181 20.68 -12.83 0.66
C TYR B 181 21.49 -11.59 0.35
N THR B 182 20.99 -10.40 0.68
CA THR B 182 21.69 -9.12 0.56
C THR B 182 21.36 -8.27 1.81
N LEU B 183 22.40 -7.72 2.48
CA LEU B 183 22.19 -6.81 3.59
C LEU B 183 23.17 -5.66 3.52
N SER B 184 23.10 -4.68 4.38
CA SER B 184 23.93 -3.50 4.28
C SER B 184 23.90 -2.95 5.70
N SER B 185 24.92 -2.13 5.94
CA SER B 185 25.13 -1.51 7.22
C SER B 185 25.52 -0.10 6.88
N SER B 186 25.05 0.85 7.66
CA SER B 186 25.44 2.21 7.46
C SER B 186 26.17 2.63 8.71
N VAL B 187 27.10 3.60 8.67
CA VAL B 187 27.68 4.11 9.91
C VAL B 187 27.85 5.62 9.88
N THR B 188 27.71 6.32 10.99
CA THR B 188 27.96 7.74 11.07
C THR B 188 29.12 8.20 11.93
N VAL B 189 29.97 8.80 11.15
CA VAL B 189 31.23 9.33 11.56
C VAL B 189 31.15 10.88 11.50
N PRO B 190 31.81 11.66 12.38
CA PRO B 190 32.03 13.08 12.23
C PRO B 190 32.65 13.36 10.90
N SER B 191 32.27 14.54 10.37
CA SER B 191 32.77 15.00 9.09
C SER B 191 34.27 15.09 9.16
N SER B 192 34.87 15.57 10.27
CA SER B 192 36.34 15.59 10.40
C SER B 192 37.02 14.24 10.06
N PRO B 193 36.66 13.04 10.59
CA PRO B 193 37.29 11.78 10.30
C PRO B 193 37.29 11.18 8.95
N ARG B 194 36.17 10.60 8.45
CA ARG B 194 36.21 9.76 7.23
C ARG B 194 37.07 10.23 6.09
N PRO B 195 37.20 11.49 5.69
CA PRO B 195 38.28 11.86 4.81
C PRO B 195 39.66 11.34 5.27
N SER B 196 40.15 11.93 6.35
CA SER B 196 41.52 11.77 6.78
C SER B 196 41.78 10.52 7.57
N GLU B 197 40.94 10.29 8.58
CA GLU B 197 40.96 9.05 9.31
C GLU B 197 40.37 8.04 8.36
N THR B 198 40.34 6.75 8.61
CA THR B 198 39.62 5.89 7.68
C THR B 198 38.78 4.87 8.37
N VAL B 199 37.65 4.63 7.70
CA VAL B 199 36.64 3.73 8.17
C VAL B 199 36.71 2.51 7.22
N THR B 200 36.49 1.28 7.74
CA THR B 200 36.56 0.00 7.04
C THR B 200 35.42 -0.98 7.42
N CYS B 201 34.68 -1.69 6.54
CA CYS B 201 33.78 -2.75 6.99
C CYS B 201 34.50 -4.07 6.86
N ASN B 202 34.26 -4.93 7.82
CA ASN B 202 34.91 -6.21 7.85
C ASN B 202 33.72 -7.11 7.87
N VAL B 203 33.50 -7.89 6.81
CA VAL B 203 32.35 -8.79 6.65
C VAL B 203 32.84 -10.22 6.73
N ALA B 204 32.37 -10.96 7.70
CA ALA B 204 32.84 -12.30 7.83
C ALA B 204 31.71 -13.21 7.50
N HIS B 205 31.77 -14.02 6.47
CA HIS B 205 30.71 -14.97 6.24
C HIS B 205 31.16 -16.34 6.75
N PRO B 206 30.82 -16.78 7.96
CA PRO B 206 31.29 -18.01 8.57
C PRO B 206 31.17 -19.24 7.66
N ALA B 207 30.02 -19.61 7.08
CA ALA B 207 29.91 -20.79 6.22
C ALA B 207 30.75 -20.91 4.91
N SER B 208 31.87 -20.19 4.78
CA SER B 208 32.82 -20.29 3.68
C SER B 208 34.14 -19.67 4.12
N SER B 209 34.31 -19.37 5.42
CA SER B 209 35.49 -18.71 5.97
C SER B 209 35.85 -17.45 5.21
N THR B 210 34.88 -16.87 4.54
CA THR B 210 35.16 -15.68 3.80
C THR B 210 35.25 -14.65 4.90
N LYS B 211 36.26 -13.82 4.76
CA LYS B 211 36.43 -12.68 5.61
C LYS B 211 36.79 -11.67 4.55
N VAL B 212 36.15 -10.52 4.54
CA VAL B 212 36.50 -9.50 3.58
C VAL B 212 36.70 -8.25 4.41
N ASP B 213 37.64 -7.40 4.05
CA ASP B 213 37.65 -6.09 4.66
C ASP B 213 37.61 -5.14 3.49
N LYS B 214 36.79 -4.09 3.54
CA LYS B 214 36.72 -3.11 2.48
C LYS B 214 36.76 -1.77 3.16
N LYS B 215 37.71 -0.99 2.66
CA LYS B 215 38.09 0.34 3.14
C LYS B 215 37.21 1.31 2.43
N ILE B 216 36.65 2.30 3.09
CA ILE B 216 35.80 3.18 2.36
C ILE B 216 36.69 4.37 2.14
N VAL B 217 36.91 4.46 0.84
CA VAL B 217 37.73 5.50 0.22
C VAL B 217 36.80 6.29 -0.72
N PRO B 218 36.94 7.63 -0.90
CA PRO B 218 36.05 8.44 -1.76
C PRO B 218 36.20 8.36 -3.30
N ASP C 1 -27.87 -11.96 -25.42
CA ASP C 1 -27.09 -10.80 -25.01
C ASP C 1 -27.52 -9.85 -26.10
N VAL C 2 -28.56 -9.09 -25.91
CA VAL C 2 -29.05 -8.33 -27.06
C VAL C 2 -28.33 -6.99 -27.05
N LEU C 3 -27.81 -6.45 -28.15
CA LEU C 3 -27.12 -5.22 -27.98
C LEU C 3 -27.86 -4.04 -28.55
N MET C 4 -28.09 -3.20 -27.54
CA MET C 4 -28.72 -1.90 -27.68
C MET C 4 -27.77 -0.84 -28.23
N THR C 5 -28.28 -0.03 -29.14
CA THR C 5 -27.51 1.01 -29.74
C THR C 5 -28.18 2.34 -29.46
N GLN C 6 -27.51 3.30 -28.81
CA GLN C 6 -28.12 4.59 -28.59
C GLN C 6 -27.43 5.59 -29.46
N THR C 7 -28.34 6.44 -29.86
CA THR C 7 -28.07 7.56 -30.72
C THR C 7 -28.88 8.69 -30.09
N PRO C 8 -28.34 9.90 -29.90
CA PRO C 8 -27.00 10.32 -30.25
C PRO C 8 -26.01 9.86 -29.22
N LEU C 9 -24.81 10.41 -29.28
CA LEU C 9 -23.92 10.17 -28.21
C LEU C 9 -23.69 11.50 -27.53
N SER C 10 -23.69 12.67 -28.15
CA SER C 10 -23.60 13.90 -27.39
C SER C 10 -24.88 14.62 -27.79
N LEU C 11 -25.38 15.61 -27.08
CA LEU C 11 -26.63 16.22 -27.45
C LEU C 11 -26.66 17.64 -26.91
N PRO C 12 -26.18 18.61 -27.66
CA PRO C 12 -26.27 20.01 -27.32
C PRO C 12 -27.73 20.42 -27.39
N VAL C 13 -28.40 20.97 -26.37
CA VAL C 13 -29.77 21.50 -26.52
C VAL C 13 -29.78 22.72 -25.64
N SER C 14 -30.46 23.75 -26.11
CA SER C 14 -30.48 25.00 -25.38
C SER C 14 -31.52 24.79 -24.34
N LEU C 15 -31.32 25.46 -23.22
CA LEU C 15 -32.28 25.41 -22.16
C LEU C 15 -33.55 25.89 -22.81
N GLY C 16 -34.56 25.07 -22.69
CA GLY C 16 -35.84 25.39 -23.26
C GLY C 16 -36.17 24.37 -24.29
N ASP C 17 -35.19 24.00 -25.10
CA ASP C 17 -35.38 23.00 -26.13
C ASP C 17 -35.85 21.67 -25.59
N GLN C 18 -36.40 20.87 -26.49
CA GLN C 18 -36.78 19.56 -26.10
C GLN C 18 -35.65 18.63 -26.52
N ALA C 19 -35.51 17.38 -26.05
CA ALA C 19 -34.43 16.51 -26.49
C ALA C 19 -35.03 15.15 -26.74
N SER C 20 -34.52 14.43 -27.72
CA SER C 20 -35.10 13.12 -28.04
C SER C 20 -33.91 12.15 -28.12
N ILE C 21 -33.88 11.02 -27.42
CA ILE C 21 -32.71 10.14 -27.36
C ILE C 21 -33.31 8.81 -27.77
N SER C 22 -32.74 8.06 -28.70
CA SER C 22 -33.37 6.84 -29.17
C SER C 22 -32.46 5.69 -28.91
N CYS C 23 -33.05 4.58 -28.50
CA CYS C 23 -32.32 3.42 -28.05
C CYS C 23 -32.92 2.20 -28.76
N ARG C 24 -32.34 1.83 -29.91
CA ARG C 24 -32.91 0.73 -30.67
C ARG C 24 -32.17 -0.50 -30.31
N SER C 25 -32.84 -1.60 -30.42
CA SER C 25 -32.28 -2.87 -30.02
C SER C 25 -31.95 -3.78 -31.19
N ASN C 26 -31.20 -4.84 -30.97
CA ASN C 26 -31.04 -5.76 -32.09
C ASN C 26 -31.94 -6.94 -31.78
N GLN C 27 -32.76 -6.89 -30.75
CA GLN C 27 -33.65 -7.98 -30.51
C GLN C 27 -34.88 -7.47 -29.84
N THR C 28 -35.96 -8.19 -30.11
CA THR C 28 -37.26 -7.89 -29.60
C THR C 28 -37.29 -8.00 -28.09
N ILE C 29 -37.52 -6.76 -27.65
CA ILE C 29 -37.70 -6.44 -26.25
C ILE C 29 -39.20 -6.47 -26.01
N LEU C 30 -40.02 -6.39 -27.07
CA LEU C 30 -41.45 -6.55 -26.95
C LEU C 30 -41.64 -7.93 -26.39
N LEU C 31 -42.41 -7.90 -25.35
CA LEU C 31 -42.79 -9.13 -24.74
C LEU C 31 -44.29 -9.07 -24.79
N SER C 32 -44.74 -10.23 -25.24
CA SER C 32 -46.13 -10.61 -25.37
C SER C 32 -46.96 -10.27 -24.14
N ASP C 33 -46.42 -10.73 -23.00
CA ASP C 33 -47.06 -10.64 -21.70
C ASP C 33 -47.43 -9.20 -21.31
N GLY C 34 -46.32 -8.48 -21.09
CA GLY C 34 -46.32 -7.13 -20.59
C GLY C 34 -45.26 -6.48 -21.43
N ASP C 35 -45.81 -5.59 -22.27
CA ASP C 35 -45.03 -4.89 -23.25
C ASP C 35 -43.79 -4.17 -22.69
N THR C 36 -42.71 -4.96 -22.64
CA THR C 36 -41.36 -4.49 -22.43
C THR C 36 -40.78 -3.84 -21.15
N TYR C 37 -39.77 -4.59 -20.65
CA TYR C 37 -38.91 -4.19 -19.55
C TYR C 37 -37.70 -3.36 -19.98
N LEU C 38 -38.05 -2.21 -20.54
CA LEU C 38 -37.12 -1.20 -21.00
C LEU C 38 -37.21 -0.13 -19.92
N GLU C 39 -36.07 0.42 -19.51
CA GLU C 39 -35.97 1.48 -18.52
C GLU C 39 -34.91 2.53 -18.93
N TRP C 40 -35.08 3.75 -18.41
CA TRP C 40 -34.17 4.80 -18.71
C TRP C 40 -33.68 5.32 -17.39
N TYR C 41 -32.34 5.40 -17.38
CA TYR C 41 -31.48 5.85 -16.31
C TYR C 41 -30.78 7.21 -16.53
N LEU C 42 -30.50 7.96 -15.46
CA LEU C 42 -29.77 9.22 -15.55
C LEU C 42 -28.59 9.14 -14.60
N GLN C 43 -27.42 9.57 -15.10
CA GLN C 43 -26.22 9.62 -14.28
C GLN C 43 -25.61 11.02 -14.31
N LYS C 44 -26.08 11.77 -13.31
CA LYS C 44 -25.57 13.12 -13.12
C LYS C 44 -24.07 13.11 -12.78
N PRO C 45 -23.26 14.11 -13.19
CA PRO C 45 -21.80 14.06 -13.04
C PRO C 45 -21.50 13.87 -11.57
N GLY C 46 -20.79 12.79 -11.32
CA GLY C 46 -20.39 12.50 -9.94
C GLY C 46 -21.51 11.87 -9.08
N GLN C 47 -22.51 11.23 -9.66
CA GLN C 47 -23.49 10.55 -8.85
C GLN C 47 -23.67 9.14 -9.39
N SER C 48 -24.40 8.27 -8.69
CA SER C 48 -24.74 6.92 -9.17
C SER C 48 -25.93 7.06 -10.11
N PRO C 49 -26.27 6.16 -11.04
CA PRO C 49 -27.47 6.25 -11.83
C PRO C 49 -28.74 6.26 -10.96
N LYS C 50 -29.77 6.96 -11.44
CA LYS C 50 -31.08 7.02 -10.82
C LYS C 50 -32.08 6.47 -11.82
N LEU C 51 -33.25 5.89 -11.46
CA LEU C 51 -34.18 5.38 -12.47
C LEU C 51 -35.12 6.46 -12.93
N LEU C 52 -35.39 6.69 -14.19
CA LEU C 52 -36.28 7.79 -14.60
C LEU C 52 -37.59 7.26 -15.09
N ILE C 53 -37.54 6.27 -15.98
CA ILE C 53 -38.74 5.75 -16.64
C ILE C 53 -38.58 4.26 -16.69
N TYR C 54 -39.58 3.49 -16.31
CA TYR C 54 -39.51 2.04 -16.38
C TYR C 54 -40.56 1.48 -17.34
N LYS C 55 -40.38 0.24 -17.82
CA LYS C 55 -41.33 -0.46 -18.67
C LYS C 55 -41.86 0.42 -19.77
N VAL C 56 -40.86 0.82 -20.53
CA VAL C 56 -40.91 1.74 -21.65
C VAL C 56 -41.31 3.16 -21.27
N SER C 57 -42.40 3.33 -20.51
CA SER C 57 -42.81 4.64 -20.05
C SER C 57 -43.67 4.75 -18.81
N ASN C 58 -43.19 4.51 -17.61
CA ASN C 58 -43.90 5.02 -16.46
C ASN C 58 -42.84 5.83 -15.79
N ARG C 59 -43.14 7.02 -15.27
CA ARG C 59 -42.08 7.80 -14.66
C ARG C 59 -41.94 7.31 -13.24
N PHE C 60 -40.71 7.25 -12.73
CA PHE C 60 -40.51 6.79 -11.39
C PHE C 60 -40.72 8.01 -10.50
N SER C 61 -40.77 7.73 -9.21
CA SER C 61 -40.95 8.72 -8.17
C SER C 61 -40.15 10.00 -8.34
N GLY C 62 -40.78 11.15 -8.36
CA GLY C 62 -40.01 12.39 -8.38
C GLY C 62 -39.47 12.73 -9.75
N VAL C 63 -39.74 11.92 -10.76
CA VAL C 63 -39.32 12.30 -12.08
C VAL C 63 -40.35 13.31 -12.56
N PRO C 64 -40.01 14.46 -13.14
CA PRO C 64 -40.98 15.38 -13.69
C PRO C 64 -41.62 15.03 -15.03
N ASP C 65 -42.82 15.57 -15.25
CA ASP C 65 -43.59 15.40 -16.49
C ASP C 65 -42.79 15.58 -17.74
N ARG C 66 -41.75 16.42 -17.65
CA ARG C 66 -40.86 16.71 -18.77
C ARG C 66 -40.15 15.49 -19.34
N PHE C 67 -40.21 14.33 -18.71
CA PHE C 67 -39.56 13.14 -19.21
C PHE C 67 -40.73 12.37 -19.78
N SER C 68 -40.58 11.63 -20.88
CA SER C 68 -41.64 10.72 -21.34
C SER C 68 -41.04 9.65 -22.24
N GLY C 69 -41.33 8.39 -21.95
CA GLY C 69 -40.76 7.32 -22.73
C GLY C 69 -41.70 7.03 -23.86
N SER C 70 -41.17 6.68 -25.01
CA SER C 70 -42.01 6.24 -26.12
C SER C 70 -41.35 5.02 -26.76
N GLY C 71 -42.06 4.47 -27.74
CA GLY C 71 -41.57 3.35 -28.51
C GLY C 71 -42.28 2.09 -28.06
N SER C 72 -41.94 1.03 -28.74
CA SER C 72 -42.44 -0.30 -28.45
C SER C 72 -41.68 -1.28 -29.33
N GLY C 73 -41.60 -2.50 -28.80
CA GLY C 73 -41.07 -3.61 -29.55
C GLY C 73 -39.56 -3.69 -29.62
N THR C 74 -38.98 -2.84 -30.45
CA THR C 74 -37.54 -2.80 -30.62
C THR C 74 -36.95 -1.38 -30.59
N ASP C 75 -37.76 -0.34 -30.85
CA ASP C 75 -37.28 1.02 -30.86
C ASP C 75 -38.02 1.72 -29.73
N PHE C 76 -37.25 2.51 -28.97
CA PHE C 76 -37.73 3.31 -27.84
C PHE C 76 -37.08 4.70 -27.86
N THR C 77 -37.79 5.74 -27.37
CA THR C 77 -37.29 7.11 -27.40
C THR C 77 -37.60 7.97 -26.15
N LEU C 78 -36.59 8.44 -25.38
CA LEU C 78 -36.80 9.33 -24.25
C LEU C 78 -36.89 10.72 -24.85
N LYS C 79 -37.84 11.51 -24.37
CA LYS C 79 -38.04 12.88 -24.83
C LYS C 79 -38.05 13.73 -23.58
N ILE C 80 -37.25 14.82 -23.55
CA ILE C 80 -37.08 15.68 -22.39
C ILE C 80 -37.60 17.06 -22.80
N SER C 81 -38.83 17.45 -22.50
CA SER C 81 -39.37 18.69 -23.03
C SER C 81 -38.76 20.03 -22.83
N ARG C 82 -38.72 20.61 -21.66
CA ARG C 82 -38.21 21.94 -21.59
C ARG C 82 -36.96 21.55 -20.83
N VAL C 83 -35.83 21.51 -21.51
CA VAL C 83 -34.60 21.15 -20.82
C VAL C 83 -34.07 22.25 -19.91
N GLU C 84 -33.96 21.89 -18.64
CA GLU C 84 -33.35 22.75 -17.64
C GLU C 84 -31.94 22.28 -17.38
N ALA C 85 -31.19 23.19 -16.75
CA ALA C 85 -29.80 22.99 -16.39
C ALA C 85 -29.54 21.65 -15.73
N GLU C 86 -30.32 21.35 -14.69
CA GLU C 86 -30.16 20.12 -13.92
C GLU C 86 -30.38 18.83 -14.68
N ASP C 87 -30.51 18.83 -16.02
CA ASP C 87 -30.75 17.61 -16.74
C ASP C 87 -29.48 17.20 -17.41
N LEU C 88 -28.41 17.95 -17.18
CA LEU C 88 -27.08 17.53 -17.59
C LEU C 88 -26.80 16.13 -17.07
N GLY C 89 -26.21 15.30 -17.90
CA GLY C 89 -25.78 14.01 -17.45
C GLY C 89 -25.67 13.18 -18.69
N VAL C 90 -25.60 11.90 -18.45
CA VAL C 90 -25.69 10.99 -19.56
C VAL C 90 -26.83 10.03 -19.15
N TYR C 91 -27.54 9.58 -20.18
CA TYR C 91 -28.70 8.72 -20.02
C TYR C 91 -28.37 7.35 -20.57
N TYR C 92 -28.93 6.26 -20.11
CA TYR C 92 -28.57 4.91 -20.53
C TYR C 92 -29.84 4.12 -20.69
N CYS C 93 -30.17 3.45 -21.79
CA CYS C 93 -31.37 2.64 -21.74
C CYS C 93 -31.04 1.25 -21.35
N PHE C 94 -31.95 0.45 -20.83
CA PHE C 94 -31.62 -0.91 -20.41
C PHE C 94 -32.79 -1.87 -20.68
N GLN C 95 -32.33 -3.04 -21.06
CA GLN C 95 -33.11 -4.19 -21.47
C GLN C 95 -33.15 -5.10 -20.24
N GLY C 96 -34.35 -5.45 -19.79
CA GLY C 96 -34.49 -6.37 -18.66
C GLY C 96 -35.18 -7.70 -18.99
N SER C 97 -35.92 -7.70 -20.11
CA SER C 97 -36.72 -8.82 -20.57
C SER C 97 -35.91 -10.03 -21.05
N HIS C 98 -34.61 -10.16 -20.80
CA HIS C 98 -33.76 -11.22 -21.35
C HIS C 98 -32.55 -11.36 -20.49
N VAL C 99 -31.91 -12.52 -20.52
CA VAL C 99 -30.62 -12.61 -19.89
C VAL C 99 -29.60 -12.33 -21.00
N PRO C 100 -28.43 -11.83 -20.68
CA PRO C 100 -28.23 -10.89 -19.61
C PRO C 100 -28.95 -9.58 -19.96
N PRO C 101 -29.29 -8.82 -18.90
CA PRO C 101 -29.71 -7.42 -18.93
C PRO C 101 -28.73 -6.55 -19.71
N THR C 102 -29.18 -5.59 -20.49
CA THR C 102 -28.23 -4.89 -21.31
C THR C 102 -28.46 -3.41 -21.35
N PHE C 103 -27.35 -2.76 -21.01
CA PHE C 103 -27.28 -1.32 -20.92
C PHE C 103 -26.87 -0.86 -22.27
N GLY C 104 -27.20 0.39 -22.52
CA GLY C 104 -26.87 1.09 -23.75
C GLY C 104 -25.52 1.78 -23.61
N GLY C 105 -25.30 2.64 -24.58
CA GLY C 105 -24.01 3.29 -24.64
C GLY C 105 -23.99 4.61 -23.93
N GLY C 106 -25.11 5.27 -23.63
CA GLY C 106 -25.03 6.54 -22.93
C GLY C 106 -25.13 7.67 -23.93
N THR C 107 -25.92 8.66 -23.59
CA THR C 107 -26.10 9.84 -24.41
C THR C 107 -25.73 11.04 -23.52
N LYS C 108 -24.78 11.90 -23.85
CA LYS C 108 -24.38 12.96 -22.97
C LYS C 108 -25.18 14.18 -23.40
N LEU C 109 -26.01 14.70 -22.51
CA LEU C 109 -26.84 15.87 -22.74
C LEU C 109 -25.88 16.98 -22.39
N GLU C 110 -25.47 17.87 -23.29
CA GLU C 110 -24.65 18.97 -22.83
C GLU C 110 -25.43 20.22 -23.19
N ILE C 111 -25.47 21.16 -22.27
CA ILE C 111 -26.30 22.33 -22.44
C ILE C 111 -25.59 23.31 -23.32
N LYS C 112 -26.15 23.64 -24.49
CA LYS C 112 -25.53 24.65 -25.33
C LYS C 112 -25.38 25.94 -24.55
N ARG C 113 -24.47 26.80 -24.95
CA ARG C 113 -24.17 27.94 -24.11
C ARG C 113 -23.65 29.02 -25.00
N ALA C 114 -23.76 30.26 -24.50
CA ALA C 114 -23.14 31.40 -25.18
C ALA C 114 -21.68 30.99 -25.30
N ASP C 115 -21.01 31.13 -26.44
CA ASP C 115 -19.60 30.74 -26.49
C ASP C 115 -18.82 31.61 -25.50
N ALA C 116 -17.65 31.04 -25.11
CA ALA C 116 -16.74 31.69 -24.18
C ALA C 116 -15.33 31.26 -24.52
N ALA C 117 -14.42 32.15 -24.16
CA ALA C 117 -13.04 31.98 -24.54
C ALA C 117 -12.17 31.60 -23.34
N PRO C 118 -11.23 30.67 -23.53
CA PRO C 118 -10.37 30.18 -22.48
C PRO C 118 -9.49 31.16 -21.73
N THR C 119 -9.69 31.29 -20.41
CA THR C 119 -8.79 31.99 -19.52
C THR C 119 -7.53 31.10 -19.31
N VAL C 120 -6.52 31.38 -20.12
CA VAL C 120 -5.31 30.56 -20.18
C VAL C 120 -4.24 30.96 -19.19
N SER C 121 -3.54 29.98 -18.59
CA SER C 121 -2.42 30.29 -17.71
C SER C 121 -1.26 29.32 -17.85
N ILE C 122 0.02 29.73 -17.96
CA ILE C 122 1.10 28.77 -18.19
C ILE C 122 2.04 28.80 -17.00
N PHE C 123 2.53 27.64 -16.55
CA PHE C 123 3.34 27.62 -15.33
C PHE C 123 4.62 26.81 -15.53
N PRO C 124 5.78 27.36 -15.21
CA PRO C 124 7.06 26.65 -15.28
C PRO C 124 7.16 25.50 -14.28
N PRO C 125 8.22 24.67 -14.35
CA PRO C 125 8.50 23.65 -13.37
C PRO C 125 8.80 24.27 -12.04
N SER C 126 8.59 23.54 -10.95
CA SER C 126 9.03 24.10 -9.70
C SER C 126 10.44 23.60 -9.40
N SER C 127 11.19 24.31 -8.55
CA SER C 127 12.48 23.87 -8.07
C SER C 127 12.32 22.47 -7.47
N GLU C 128 11.25 22.31 -6.67
CA GLU C 128 10.95 21.07 -6.00
C GLU C 128 10.91 19.97 -7.05
N GLN C 129 10.38 20.26 -8.23
CA GLN C 129 10.24 19.22 -9.21
C GLN C 129 11.59 18.98 -9.81
N LEU C 130 12.20 20.08 -10.24
CA LEU C 130 13.48 20.01 -10.94
C LEU C 130 14.58 19.27 -10.21
N THR C 131 14.54 19.31 -8.90
CA THR C 131 15.48 18.62 -8.07
C THR C 131 15.26 17.14 -8.19
N SER C 132 14.02 16.64 -8.27
CA SER C 132 13.93 15.19 -8.45
C SER C 132 14.22 14.84 -9.92
N GLY C 133 14.43 15.82 -10.78
CA GLY C 133 14.97 15.54 -12.09
C GLY C 133 13.98 15.30 -13.20
N GLY C 134 12.84 15.95 -13.07
CA GLY C 134 11.83 15.90 -14.11
C GLY C 134 11.38 17.34 -14.24
N ALA C 135 10.78 17.67 -15.38
CA ALA C 135 10.24 19.00 -15.54
C ALA C 135 8.90 18.96 -16.28
N SER C 136 7.84 19.43 -15.60
CA SER C 136 6.52 19.50 -16.18
C SER C 136 6.01 20.93 -16.29
N VAL C 137 5.84 21.38 -17.53
CA VAL C 137 5.34 22.71 -17.87
C VAL C 137 3.81 22.54 -17.92
N VAL C 138 3.02 23.33 -17.20
CA VAL C 138 1.57 23.15 -17.13
C VAL C 138 0.84 24.36 -17.69
N CYS C 139 -0.25 24.08 -18.37
CA CYS C 139 -1.01 25.11 -18.97
C CYS C 139 -2.48 24.87 -18.69
N PHE C 140 -3.19 25.71 -17.92
CA PHE C 140 -4.61 25.51 -17.71
C PHE C 140 -5.46 26.30 -18.71
N LEU C 141 -6.32 25.61 -19.46
CA LEU C 141 -7.22 26.30 -20.39
C LEU C 141 -8.58 26.38 -19.67
N ASN C 142 -8.69 27.34 -18.76
CA ASN C 142 -9.85 27.42 -17.91
C ASN C 142 -11.00 28.19 -18.46
N ASN C 143 -12.16 27.62 -18.15
CA ASN C 143 -13.57 28.06 -18.37
C ASN C 143 -14.00 28.48 -19.75
N PHE C 144 -14.20 27.58 -20.68
CA PHE C 144 -14.56 27.97 -22.05
C PHE C 144 -15.76 27.21 -22.61
N TYR C 145 -16.15 27.37 -23.85
CA TYR C 145 -17.28 26.66 -24.44
C TYR C 145 -17.14 26.99 -25.92
N PRO C 146 -17.40 26.06 -26.83
CA PRO C 146 -17.57 24.63 -26.62
C PRO C 146 -16.33 23.91 -26.11
N LYS C 147 -16.50 22.59 -26.18
CA LYS C 147 -15.53 21.63 -25.72
C LYS C 147 -14.25 21.74 -26.55
N ASP C 148 -14.44 21.78 -27.87
CA ASP C 148 -13.35 21.79 -28.82
C ASP C 148 -12.40 22.94 -28.59
N ILE C 149 -11.16 22.57 -28.32
CA ILE C 149 -10.08 23.51 -28.19
C ILE C 149 -8.86 22.74 -28.68
N ASN C 150 -7.81 23.42 -29.12
CA ASN C 150 -6.60 22.75 -29.55
C ASN C 150 -5.38 23.47 -29.00
N VAL C 151 -4.59 22.62 -28.30
CA VAL C 151 -3.39 23.02 -27.56
C VAL C 151 -2.11 22.57 -28.26
N LYS C 152 -1.27 23.51 -28.64
CA LYS C 152 0.00 23.15 -29.22
C LYS C 152 1.01 23.65 -28.23
N TRP C 153 1.98 22.78 -27.97
CA TRP C 153 3.12 23.10 -27.15
C TRP C 153 4.24 23.47 -28.12
N LYS C 154 4.91 24.59 -27.88
CA LYS C 154 6.06 25.03 -28.66
C LYS C 154 7.24 25.23 -27.71
N ILE C 155 8.36 24.60 -28.03
CA ILE C 155 9.58 24.75 -27.27
C ILE C 155 10.59 25.29 -28.29
N ASP C 156 11.10 26.50 -28.08
CA ASP C 156 12.11 27.13 -28.92
C ASP C 156 11.90 27.07 -30.42
N GLY C 157 10.98 27.94 -30.72
CA GLY C 157 10.62 28.12 -32.09
C GLY C 157 9.43 27.24 -32.37
N SER C 158 9.08 27.00 -33.63
CA SER C 158 7.87 26.26 -33.94
C SER C 158 8.12 24.77 -33.75
N GLU C 159 8.84 24.41 -32.71
CA GLU C 159 9.08 23.04 -32.50
C GLU C 159 8.06 22.77 -31.45
N ARG C 160 7.18 21.95 -32.01
CA ARG C 160 6.06 21.40 -31.27
C ARG C 160 6.55 20.21 -30.44
N GLN C 161 5.77 19.50 -29.60
CA GLN C 161 6.29 18.30 -28.99
C GLN C 161 5.38 17.04 -28.96
N ASN C 162 5.87 15.94 -28.33
CA ASN C 162 5.31 14.58 -28.21
C ASN C 162 5.47 14.11 -26.74
N GLY C 163 4.43 13.98 -25.90
CA GLY C 163 4.60 13.74 -24.44
C GLY C 163 3.80 14.78 -23.58
N VAL C 164 2.50 14.88 -23.92
CA VAL C 164 1.63 15.90 -23.39
C VAL C 164 0.43 15.12 -22.86
N LEU C 165 -0.01 15.52 -21.68
CA LEU C 165 -1.12 14.91 -20.96
C LEU C 165 -2.22 15.95 -20.95
N ASN C 166 -3.44 15.61 -21.44
CA ASN C 166 -4.51 16.59 -21.48
C ASN C 166 -5.71 16.05 -20.75
N SER C 167 -6.34 16.70 -19.77
CA SER C 167 -7.60 16.21 -19.23
C SER C 167 -8.62 17.33 -19.20
N TRP C 168 -9.86 17.03 -19.54
CA TRP C 168 -10.90 18.03 -19.47
C TRP C 168 -11.80 17.70 -18.30
N THR C 169 -12.37 18.72 -17.70
CA THR C 169 -13.43 18.52 -16.76
C THR C 169 -14.70 18.19 -17.59
N ASP C 170 -15.76 17.56 -17.04
CA ASP C 170 -17.02 17.30 -17.76
C ASP C 170 -17.75 18.62 -17.70
N GLN C 171 -18.91 18.83 -18.33
CA GLN C 171 -19.50 20.16 -18.35
C GLN C 171 -19.79 20.67 -16.95
N ASP C 172 -19.35 21.89 -16.70
CA ASP C 172 -19.53 22.51 -15.41
C ASP C 172 -20.98 22.82 -15.25
N SER C 173 -21.50 22.25 -14.20
CA SER C 173 -22.90 22.32 -13.84
C SER C 173 -23.65 23.62 -14.08
N LYS C 174 -23.47 24.58 -13.20
CA LYS C 174 -24.23 25.80 -13.39
C LYS C 174 -23.09 26.80 -13.49
N ASP C 175 -22.98 27.19 -14.75
CA ASP C 175 -21.98 28.05 -15.40
C ASP C 175 -21.80 27.48 -16.81
N SER C 176 -21.96 26.16 -16.93
CA SER C 176 -22.01 25.47 -18.20
C SER C 176 -20.78 25.49 -19.11
N THR C 177 -19.60 25.84 -18.59
CA THR C 177 -18.39 25.80 -19.38
C THR C 177 -17.64 24.46 -19.23
N TYR C 178 -16.55 24.30 -19.94
CA TYR C 178 -15.63 23.19 -19.82
C TYR C 178 -14.35 23.81 -19.28
N SER C 179 -13.32 23.01 -18.98
CA SER C 179 -11.99 23.44 -18.58
C SER C 179 -11.10 22.29 -18.96
N MET C 180 -9.84 22.53 -19.30
CA MET C 180 -8.92 21.51 -19.80
C MET C 180 -7.56 21.76 -19.16
N SER C 181 -6.65 20.82 -19.12
CA SER C 181 -5.33 21.04 -18.54
C SER C 181 -4.36 20.20 -19.33
N SER C 182 -3.29 20.81 -19.82
CA SER C 182 -2.30 20.12 -20.63
C SER C 182 -1.00 20.28 -19.86
N THR C 183 -0.26 19.19 -19.71
CA THR C 183 1.00 19.18 -18.98
C THR C 183 1.94 18.57 -19.98
N LEU C 184 3.14 19.18 -20.04
CA LEU C 184 4.22 18.79 -20.97
C LEU C 184 5.33 18.40 -20.03
N THR C 185 5.78 17.14 -20.10
CA THR C 185 6.79 16.64 -19.18
C THR C 185 7.99 16.17 -19.99
N LEU C 186 9.07 16.78 -19.59
CA LEU C 186 10.39 16.58 -20.13
C LEU C 186 11.25 16.16 -18.91
N THR C 187 12.47 15.72 -19.18
CA THR C 187 13.44 15.37 -18.14
C THR C 187 14.15 16.69 -17.72
N LYS C 188 14.83 16.84 -16.58
CA LYS C 188 15.49 18.09 -16.26
C LYS C 188 16.52 18.46 -17.30
N ASP C 189 17.40 17.60 -17.79
CA ASP C 189 18.42 18.09 -18.68
C ASP C 189 17.90 18.52 -20.06
N GLU C 190 16.76 18.02 -20.55
CA GLU C 190 16.19 18.46 -21.83
C GLU C 190 15.43 19.77 -21.63
N TYR C 191 14.87 20.00 -20.44
CA TYR C 191 14.22 21.26 -20.09
C TYR C 191 15.28 22.35 -20.10
N GLU C 192 16.47 21.96 -19.66
CA GLU C 192 17.55 22.91 -19.60
C GLU C 192 18.13 23.08 -20.99
N ARG C 193 17.86 22.23 -21.95
CA ARG C 193 18.41 22.40 -23.28
C ARG C 193 17.57 23.41 -24.07
N HIS C 194 16.71 24.21 -23.46
CA HIS C 194 15.78 25.08 -24.21
C HIS C 194 15.43 26.30 -23.40
N ASN C 195 14.62 27.16 -24.04
CA ASN C 195 14.37 28.42 -23.37
C ASN C 195 13.01 29.05 -23.56
N SER C 196 12.22 28.66 -24.56
CA SER C 196 10.89 29.24 -24.70
C SER C 196 9.91 28.07 -24.70
N TYR C 197 8.92 28.14 -23.80
CA TYR C 197 7.91 27.13 -23.75
C TYR C 197 6.67 28.01 -23.95
N THR C 198 5.91 27.62 -24.96
CA THR C 198 4.74 28.35 -25.42
C THR C 198 3.57 27.37 -25.46
N CYS C 199 2.51 27.75 -24.75
CA CYS C 199 1.26 27.03 -24.73
C CYS C 199 0.35 27.79 -25.70
N GLU C 200 -0.10 27.18 -26.79
CA GLU C 200 -0.85 27.94 -27.75
C GLU C 200 -2.21 27.33 -28.01
N ALA C 201 -3.22 28.03 -27.53
CA ALA C 201 -4.61 27.61 -27.61
C ALA C 201 -5.36 28.13 -28.83
N THR C 202 -6.14 27.30 -29.50
CA THR C 202 -6.91 27.67 -30.67
C THR C 202 -8.33 27.26 -30.36
N HIS C 203 -9.29 28.17 -30.35
CA HIS C 203 -10.64 27.82 -29.95
C HIS C 203 -11.62 28.55 -30.85
N LYS C 204 -12.76 27.96 -31.25
CA LYS C 204 -13.75 28.64 -32.10
C LYS C 204 -14.11 30.09 -31.71
N THR C 205 -13.76 30.68 -30.54
CA THR C 205 -13.99 32.08 -30.29
C THR C 205 -12.82 32.96 -30.78
N SER C 206 -11.86 32.47 -31.58
CA SER C 206 -10.75 33.29 -32.08
C SER C 206 -10.00 32.61 -33.26
N THR C 207 -9.56 33.43 -34.22
CA THR C 207 -8.75 32.98 -35.35
C THR C 207 -7.29 33.18 -35.01
N SER C 208 -7.14 34.13 -34.08
CA SER C 208 -5.88 34.43 -33.43
C SER C 208 -5.73 33.42 -32.29
N PRO C 209 -4.53 32.87 -32.05
CA PRO C 209 -4.30 31.90 -30.99
C PRO C 209 -4.14 32.61 -29.64
N ILE C 210 -4.56 31.95 -28.55
CA ILE C 210 -4.34 32.47 -27.21
C ILE C 210 -2.94 31.87 -27.06
N VAL C 211 -1.94 32.71 -26.80
CA VAL C 211 -0.57 32.25 -26.65
C VAL C 211 -0.10 32.77 -25.31
N LYS C 212 0.27 31.81 -24.48
CA LYS C 212 0.76 32.14 -23.17
C LYS C 212 2.17 31.61 -23.15
N SER C 213 3.17 32.36 -22.68
CA SER C 213 4.52 31.84 -22.76
C SER C 213 5.38 32.42 -21.68
N PHE C 214 6.54 31.79 -21.48
CA PHE C 214 7.60 32.28 -20.60
C PHE C 214 8.96 31.89 -21.17
N ASN C 215 9.99 32.54 -20.68
CA ASN C 215 11.33 32.35 -21.19
C ASN C 215 12.12 31.84 -20.00
N ARG C 216 12.87 30.79 -20.26
CA ARG C 216 13.50 29.99 -19.26
C ARG C 216 14.34 30.53 -18.16
N ASN C 217 14.64 31.78 -17.98
CA ASN C 217 15.52 32.14 -16.88
C ASN C 217 15.05 33.32 -16.04
N GLU C 218 14.83 32.97 -14.75
CA GLU C 218 14.45 33.90 -13.69
C GLU C 218 15.74 34.65 -13.36
N CYS C 219 15.59 35.95 -13.58
CA CYS C 219 16.63 36.95 -13.43
C CYS C 219 15.83 38.26 -13.16
N GLU D 1 -36.06 4.59 3.86
CA GLU D 1 -35.35 5.49 2.96
C GLU D 1 -34.33 4.50 2.37
N VAL D 2 -34.32 4.16 1.06
CA VAL D 2 -33.45 3.11 0.56
C VAL D 2 -32.02 3.56 0.76
N GLN D 3 -31.14 2.85 1.45
CA GLN D 3 -29.76 3.26 1.59
C GLN D 3 -28.95 2.00 1.25
N LEU D 4 -27.87 2.10 0.48
CA LEU D 4 -27.14 0.92 0.07
C LEU D 4 -25.70 1.35 0.02
N VAL D 5 -24.83 0.73 0.81
CA VAL D 5 -23.49 1.22 0.88
C VAL D 5 -22.49 0.12 0.71
N GLU D 6 -21.54 0.31 -0.21
CA GLU D 6 -20.61 -0.74 -0.56
C GLU D 6 -19.24 -0.54 0.08
N SER D 7 -18.41 -1.58 0.22
CA SER D 7 -17.13 -1.47 0.88
C SER D 7 -16.16 -2.53 0.39
N GLY D 8 -14.84 -2.38 0.53
CA GLY D 8 -13.92 -3.45 0.22
C GLY D 8 -13.31 -3.40 -1.14
N GLY D 9 -13.66 -2.44 -2.03
CA GLY D 9 -12.92 -2.30 -3.29
C GLY D 9 -11.45 -2.02 -2.97
N ASP D 10 -10.43 -2.46 -3.70
CA ASP D 10 -9.08 -2.23 -3.22
C ASP D 10 -8.14 -2.54 -4.35
N LEU D 11 -6.83 -2.52 -4.15
CA LEU D 11 -5.91 -2.82 -5.22
C LEU D 11 -5.57 -4.29 -5.05
N VAL D 12 -5.75 -4.96 -6.18
CA VAL D 12 -5.58 -6.38 -6.32
C VAL D 12 -4.65 -6.69 -7.50
N LYS D 13 -3.70 -7.61 -7.34
CA LYS D 13 -2.80 -8.01 -8.41
C LYS D 13 -3.57 -8.93 -9.35
N PRO D 14 -3.46 -8.92 -10.66
CA PRO D 14 -4.35 -9.65 -11.54
C PRO D 14 -4.20 -11.14 -11.36
N GLY D 15 -5.16 -11.73 -10.67
CA GLY D 15 -5.16 -13.14 -10.34
C GLY D 15 -5.73 -13.33 -8.94
N GLY D 16 -5.75 -12.27 -8.13
CA GLY D 16 -6.27 -12.35 -6.78
C GLY D 16 -7.76 -12.59 -6.61
N SER D 17 -8.07 -12.36 -5.34
CA SER D 17 -9.40 -12.58 -4.82
C SER D 17 -9.79 -11.45 -3.86
N LEU D 18 -11.05 -10.98 -3.93
CA LEU D 18 -11.54 -9.91 -3.07
C LEU D 18 -13.04 -10.04 -2.85
N LYS D 19 -13.58 -9.69 -1.69
CA LYS D 19 -15.01 -9.71 -1.48
C LYS D 19 -15.49 -8.32 -1.10
N LEU D 20 -16.44 -7.85 -1.90
CA LEU D 20 -17.03 -6.54 -1.76
C LEU D 20 -18.33 -6.70 -0.98
N SER D 21 -18.61 -6.05 0.14
CA SER D 21 -19.93 -6.20 0.74
C SER D 21 -20.78 -4.95 0.45
N CYS D 22 -22.06 -5.03 0.75
CA CYS D 22 -22.98 -3.97 0.43
C CYS D 22 -24.04 -4.07 1.50
N ALA D 23 -24.15 -3.05 2.37
CA ALA D 23 -25.14 -3.04 3.45
C ALA D 23 -26.37 -2.24 3.09
N ALA D 24 -27.51 -2.93 3.18
CA ALA D 24 -28.76 -2.37 2.73
C ALA D 24 -29.48 -1.92 3.96
N SER D 25 -30.35 -0.92 3.86
CA SER D 25 -31.10 -0.47 5.00
C SER D 25 -32.13 0.51 4.53
N GLY D 26 -33.08 0.76 5.43
CA GLY D 26 -34.14 1.68 5.15
C GLY D 26 -35.28 1.10 4.35
N PHE D 27 -35.28 -0.19 4.01
CA PHE D 27 -36.37 -0.91 3.35
C PHE D 27 -36.32 -2.35 3.89
N THR D 28 -37.20 -3.25 3.43
CA THR D 28 -37.24 -4.65 3.91
C THR D 28 -36.52 -5.52 2.91
N PHE D 29 -35.48 -6.19 3.38
CA PHE D 29 -34.51 -6.85 2.50
C PHE D 29 -34.99 -8.03 1.64
N SER D 30 -35.54 -8.87 2.47
CA SER D 30 -36.11 -10.13 2.16
C SER D 30 -37.46 -9.89 1.53
N ARG D 31 -37.50 -9.32 0.36
CA ARG D 31 -38.72 -8.99 -0.36
C ARG D 31 -38.17 -8.42 -1.65
N CYS D 32 -36.93 -7.90 -1.57
CA CYS D 32 -36.25 -7.35 -2.71
C CYS D 32 -35.01 -8.20 -3.07
N ALA D 33 -34.96 -8.54 -4.36
CA ALA D 33 -33.81 -9.25 -4.91
C ALA D 33 -32.67 -8.24 -5.13
N MET D 34 -31.41 -8.63 -5.22
CA MET D 34 -30.39 -7.63 -5.41
C MET D 34 -29.58 -7.95 -6.65
N SER D 35 -28.67 -7.02 -7.01
CA SER D 35 -27.84 -7.13 -8.19
C SER D 35 -26.53 -6.42 -7.92
N TRP D 36 -25.43 -6.74 -8.60
CA TRP D 36 -24.21 -5.96 -8.54
C TRP D 36 -24.00 -5.50 -9.97
N VAL D 37 -23.49 -4.30 -10.30
CA VAL D 37 -23.43 -3.77 -11.67
C VAL D 37 -22.14 -2.95 -11.76
N ARG D 38 -21.52 -2.85 -12.92
CA ARG D 38 -20.20 -2.27 -13.08
C ARG D 38 -20.20 -1.07 -13.99
N GLN D 39 -19.26 -0.17 -13.71
CA GLN D 39 -19.00 0.98 -14.56
C GLN D 39 -17.50 0.89 -14.78
N THR D 40 -17.19 0.55 -16.01
CA THR D 40 -15.83 0.41 -16.48
C THR D 40 -15.24 1.82 -16.57
N PRO D 41 -13.95 2.02 -16.82
CA PRO D 41 -13.40 3.32 -17.23
C PRO D 41 -13.95 4.05 -18.44
N GLU D 42 -14.48 3.37 -19.46
CA GLU D 42 -15.07 4.14 -20.54
C GLU D 42 -16.56 4.36 -20.25
N LYS D 43 -16.90 4.42 -18.96
CA LYS D 43 -18.25 4.57 -18.45
C LYS D 43 -19.30 3.62 -18.99
N ARG D 44 -18.93 2.44 -19.52
CA ARG D 44 -19.87 1.46 -20.04
C ARG D 44 -20.41 0.77 -18.81
N LEU D 45 -21.74 0.48 -18.80
CA LEU D 45 -22.33 -0.27 -17.68
C LEU D 45 -22.56 -1.80 -17.87
N GLU D 46 -22.29 -2.70 -16.90
CA GLU D 46 -22.44 -4.13 -17.14
C GLU D 46 -23.02 -4.81 -15.93
N TRP D 47 -24.09 -5.59 -16.07
CA TRP D 47 -24.75 -6.27 -14.95
C TRP D 47 -23.82 -7.39 -14.52
N VAL D 48 -23.43 -7.69 -13.28
CA VAL D 48 -22.57 -8.86 -13.06
C VAL D 48 -22.99 -9.96 -12.06
N ALA D 49 -24.24 -10.02 -11.63
CA ALA D 49 -24.70 -11.05 -10.72
C ALA D 49 -26.11 -10.67 -10.39
N GLY D 50 -26.92 -11.62 -9.94
CA GLY D 50 -28.29 -11.34 -9.54
C GLY D 50 -28.66 -12.38 -8.50
N ILE D 51 -29.39 -12.03 -7.47
CA ILE D 51 -29.80 -13.01 -6.50
C ILE D 51 -31.21 -12.65 -6.09
N SER D 52 -32.04 -13.66 -6.11
CA SER D 52 -33.42 -13.50 -5.71
C SER D 52 -33.56 -13.48 -4.18
N SER D 53 -34.31 -12.52 -3.64
CA SER D 53 -34.65 -12.33 -2.25
C SER D 53 -34.41 -13.34 -1.15
N GLY D 54 -34.58 -14.62 -1.39
CA GLY D 54 -34.31 -15.58 -0.34
C GLY D 54 -32.91 -16.16 -0.46
N GLY D 55 -32.10 -15.60 -1.36
CA GLY D 55 -30.81 -16.15 -1.73
C GLY D 55 -31.02 -17.48 -2.44
N SER D 56 -32.22 -17.67 -2.98
CA SER D 56 -32.61 -18.96 -3.48
C SER D 56 -31.76 -19.32 -4.69
N TYR D 57 -31.60 -18.43 -5.68
CA TYR D 57 -30.88 -18.76 -6.89
C TYR D 57 -30.27 -17.49 -7.43
N THR D 58 -29.03 -17.70 -7.82
CA THR D 58 -28.14 -16.67 -8.30
C THR D 58 -28.11 -16.63 -9.81
N PHE D 59 -27.99 -15.51 -10.48
CA PHE D 59 -27.97 -15.44 -11.91
C PHE D 59 -26.65 -14.73 -12.25
N TYR D 60 -25.93 -15.03 -13.34
CA TYR D 60 -24.64 -14.45 -13.73
C TYR D 60 -24.65 -14.37 -15.24
N PRO D 61 -23.94 -13.39 -15.83
CA PRO D 61 -23.66 -13.41 -17.24
C PRO D 61 -22.42 -14.31 -17.46
N ASP D 62 -21.98 -14.52 -18.70
CA ASP D 62 -20.92 -15.48 -18.93
C ASP D 62 -19.50 -15.05 -18.54
N THR D 63 -19.08 -13.83 -18.82
CA THR D 63 -17.77 -13.30 -18.43
C THR D 63 -17.36 -13.50 -16.97
N VAL D 64 -18.29 -13.43 -16.04
CA VAL D 64 -17.89 -13.60 -14.68
C VAL D 64 -18.21 -15.01 -14.29
N LYS D 65 -19.03 -15.67 -15.10
CA LYS D 65 -19.53 -16.97 -14.73
C LYS D 65 -18.37 -17.87 -14.52
N GLY D 66 -18.37 -18.39 -13.32
CA GLY D 66 -17.32 -19.27 -12.93
C GLY D 66 -16.60 -18.67 -11.77
N ARG D 67 -16.24 -17.41 -12.04
CA ARG D 67 -15.35 -16.64 -11.16
C ARG D 67 -15.99 -15.92 -9.96
N PHE D 68 -17.22 -15.41 -10.02
CA PHE D 68 -17.72 -14.73 -8.83
C PHE D 68 -19.02 -15.34 -8.33
N ILE D 69 -19.19 -15.31 -7.00
CA ILE D 69 -20.42 -15.78 -6.39
C ILE D 69 -21.09 -14.68 -5.58
N ILE D 70 -22.42 -14.59 -5.72
CA ILE D 70 -23.14 -13.55 -5.04
C ILE D 70 -23.96 -13.98 -3.81
N SER D 71 -23.46 -13.75 -2.60
CA SER D 71 -24.18 -14.11 -1.39
C SER D 71 -25.28 -13.09 -1.08
N ARG D 72 -25.87 -13.22 0.10
CA ARG D 72 -26.80 -12.29 0.74
C ARG D 72 -27.03 -12.89 2.13
N ASN D 73 -27.66 -12.17 3.03
CA ASN D 73 -27.90 -12.67 4.34
C ASN D 73 -29.00 -11.77 4.85
N ASN D 74 -30.18 -12.35 4.83
CA ASN D 74 -31.40 -11.66 5.19
C ASN D 74 -31.53 -11.35 6.66
N ALA D 75 -30.56 -11.70 7.49
CA ALA D 75 -30.70 -11.30 8.86
C ALA D 75 -29.85 -10.08 9.18
N ARG D 76 -28.57 -10.14 8.79
CA ARG D 76 -27.61 -9.10 9.12
C ARG D 76 -27.64 -7.91 8.13
N ASN D 77 -28.33 -8.17 7.01
CA ASN D 77 -28.56 -7.27 5.89
C ASN D 77 -27.31 -6.95 5.18
N THR D 78 -26.95 -7.83 4.26
CA THR D 78 -25.70 -7.74 3.55
C THR D 78 -25.87 -8.46 2.24
N LEU D 79 -25.39 -7.89 1.16
CA LEU D 79 -25.27 -8.55 -0.13
C LEU D 79 -23.76 -8.60 -0.33
N SER D 80 -23.13 -9.35 -1.25
CA SER D 80 -21.67 -9.31 -1.38
C SER D 80 -21.24 -9.78 -2.75
N LEU D 81 -19.99 -9.66 -3.11
CA LEU D 81 -19.45 -10.33 -4.26
C LEU D 81 -18.13 -10.91 -3.81
N GLN D 82 -17.96 -12.20 -4.11
CA GLN D 82 -16.72 -12.93 -3.87
C GLN D 82 -16.17 -12.98 -5.29
N MET D 83 -14.99 -12.40 -5.47
CA MET D 83 -14.35 -12.30 -6.76
C MET D 83 -13.08 -13.11 -6.57
N SER D 84 -12.83 -14.05 -7.48
CA SER D 84 -11.61 -14.82 -7.42
C SER D 84 -11.10 -14.83 -8.85
N SER D 85 -9.80 -15.02 -9.06
CA SER D 85 -9.19 -15.05 -10.39
C SER D 85 -9.54 -13.80 -11.17
N LEU D 86 -9.17 -12.74 -10.48
CA LEU D 86 -9.44 -11.43 -11.00
C LEU D 86 -8.58 -11.14 -12.23
N ARG D 87 -9.26 -10.67 -13.25
CA ARG D 87 -8.69 -10.23 -14.52
C ARG D 87 -8.54 -8.71 -14.49
N SER D 88 -7.60 -8.10 -15.21
CA SER D 88 -7.59 -6.64 -15.28
C SER D 88 -8.91 -6.13 -15.87
N GLU D 89 -9.64 -6.90 -16.69
CA GLU D 89 -10.93 -6.46 -17.21
C GLU D 89 -12.03 -6.44 -16.14
N ASP D 90 -11.69 -6.50 -14.85
CA ASP D 90 -12.66 -6.32 -13.79
C ASP D 90 -12.44 -4.99 -13.05
N THR D 91 -11.55 -4.17 -13.57
CA THR D 91 -11.26 -2.87 -13.01
C THR D 91 -12.46 -1.97 -13.24
N ALA D 92 -13.19 -1.57 -12.22
CA ALA D 92 -14.44 -0.86 -12.46
C ALA D 92 -14.98 -0.34 -11.16
N ILE D 93 -16.01 0.52 -11.17
CA ILE D 93 -16.71 0.88 -9.94
C ILE D 93 -17.79 -0.22 -9.81
N TYR D 94 -17.97 -0.88 -8.65
CA TYR D 94 -18.97 -1.91 -8.43
C TYR D 94 -20.08 -1.32 -7.58
N TYR D 95 -21.23 -1.18 -8.22
CA TYR D 95 -22.45 -0.75 -7.54
C TYR D 95 -23.24 -1.92 -7.00
N CYS D 96 -23.95 -1.81 -5.87
CA CYS D 96 -24.92 -2.87 -5.62
C CYS D 96 -26.26 -2.17 -5.84
N THR D 97 -27.25 -2.82 -6.42
CA THR D 97 -28.52 -2.15 -6.61
C THR D 97 -29.60 -2.95 -5.91
N ARG D 98 -30.77 -2.43 -6.07
CA ARG D 98 -31.92 -3.05 -5.57
C ARG D 98 -32.71 -3.26 -6.83
N TYR D 99 -33.33 -4.46 -6.84
CA TYR D 99 -34.16 -4.91 -7.95
C TYR D 99 -35.59 -4.57 -7.63
N SER D 100 -36.46 -4.14 -8.56
CA SER D 100 -37.84 -3.91 -8.13
C SER D 100 -38.61 -5.21 -7.92
N SER D 101 -39.85 -5.15 -7.45
CA SER D 101 -40.69 -6.34 -7.27
C SER D 101 -40.70 -7.25 -8.48
N ASP D 102 -41.03 -6.83 -9.71
CA ASP D 102 -40.91 -7.73 -10.85
C ASP D 102 -39.40 -7.73 -10.97
N PRO D 103 -38.64 -8.73 -10.58
CA PRO D 103 -37.24 -8.51 -10.29
C PRO D 103 -36.57 -8.68 -11.63
N PHE D 104 -36.72 -7.66 -12.49
CA PHE D 104 -36.17 -7.68 -13.84
C PHE D 104 -35.55 -6.34 -14.28
N TYR D 105 -35.52 -5.32 -13.40
CA TYR D 105 -34.94 -4.01 -13.66
C TYR D 105 -34.56 -3.38 -12.32
N PHE D 106 -33.62 -2.43 -12.25
CA PHE D 106 -33.16 -1.90 -10.95
C PHE D 106 -33.75 -0.52 -10.66
N ASP D 107 -33.96 -0.23 -9.38
CA ASP D 107 -34.55 1.06 -9.07
C ASP D 107 -33.76 1.97 -8.13
N TYR D 108 -32.98 1.38 -7.25
CA TYR D 108 -32.14 2.15 -6.39
C TYR D 108 -30.70 1.68 -6.51
N TRP D 109 -29.69 2.55 -6.73
CA TRP D 109 -28.30 2.15 -6.85
C TRP D 109 -27.53 2.70 -5.65
N GLY D 110 -26.63 1.87 -5.13
CA GLY D 110 -25.75 2.26 -4.06
C GLY D 110 -24.70 3.22 -4.62
N GLN D 111 -23.79 3.55 -3.69
CA GLN D 111 -22.72 4.52 -3.89
C GLN D 111 -21.44 4.10 -4.63
N GLY D 112 -21.08 2.82 -4.65
CA GLY D 112 -19.99 2.28 -5.46
C GLY D 112 -18.61 2.04 -4.81
N THR D 113 -17.93 0.92 -5.11
CA THR D 113 -16.54 0.76 -4.71
C THR D 113 -15.70 0.37 -5.91
N THR D 114 -14.60 1.10 -5.99
CA THR D 114 -13.61 1.06 -7.04
C THR D 114 -12.76 -0.21 -6.99
N LEU D 115 -12.67 -1.07 -7.99
CA LEU D 115 -11.78 -2.22 -7.92
C LEU D 115 -10.73 -1.92 -8.97
N THR D 116 -9.45 -2.01 -8.57
CA THR D 116 -8.34 -1.78 -9.47
C THR D 116 -7.50 -3.05 -9.38
N VAL D 117 -7.43 -3.72 -10.51
CA VAL D 117 -6.75 -4.99 -10.62
C VAL D 117 -5.48 -4.59 -11.33
N SER D 118 -4.33 -4.51 -10.69
CA SER D 118 -3.10 -4.15 -11.40
C SER D 118 -1.87 -4.64 -10.64
N SER D 119 -0.80 -4.87 -11.41
CA SER D 119 0.46 -5.35 -10.85
C SER D 119 1.29 -4.24 -10.25
N ALA D 120 0.87 -3.01 -10.52
CA ALA D 120 1.51 -1.82 -10.00
C ALA D 120 1.51 -1.82 -8.49
N LYS D 121 2.31 -0.95 -7.87
CA LYS D 121 2.33 -0.88 -6.41
C LYS D 121 1.69 0.43 -6.01
N THR D 122 1.26 0.47 -4.76
CA THR D 122 0.73 1.65 -4.10
C THR D 122 1.89 2.66 -4.10
N THR D 123 1.78 3.91 -4.54
CA THR D 123 2.89 4.84 -4.55
C THR D 123 2.29 6.16 -4.12
N PRO D 124 2.88 6.91 -3.20
CA PRO D 124 2.32 8.18 -2.70
C PRO D 124 2.45 9.30 -3.74
N PRO D 125 1.70 10.41 -3.81
CA PRO D 125 1.81 11.39 -4.87
C PRO D 125 2.97 12.32 -4.62
N SER D 126 3.70 12.82 -5.62
CA SER D 126 4.62 13.92 -5.39
C SER D 126 3.77 15.15 -5.67
N VAL D 127 3.77 16.21 -4.88
CA VAL D 127 2.92 17.32 -5.25
C VAL D 127 3.84 18.53 -5.29
N TYR D 128 3.67 19.20 -6.40
CA TYR D 128 4.53 20.27 -6.74
C TYR D 128 3.63 21.44 -6.93
N PRO D 129 3.93 22.61 -6.43
CA PRO D 129 3.01 23.73 -6.48
C PRO D 129 3.12 24.49 -7.81
N LEU D 130 2.00 24.69 -8.55
CA LEU D 130 1.99 25.46 -9.80
C LEU D 130 1.75 26.93 -9.48
N ALA D 131 2.82 27.65 -9.30
CA ALA D 131 2.86 29.04 -8.91
C ALA D 131 3.04 29.98 -10.12
N PRO D 132 2.34 31.11 -10.10
CA PRO D 132 2.09 31.88 -11.30
C PRO D 132 3.42 32.42 -11.75
N GLY D 133 3.66 32.35 -13.05
CA GLY D 133 4.87 32.85 -13.68
C GLY D 133 4.33 33.54 -14.91
N SER D 134 3.91 32.62 -15.78
CA SER D 134 3.12 32.91 -16.96
C SER D 134 3.62 34.03 -17.88
N ALA D 135 2.70 34.69 -18.57
CA ALA D 135 3.07 35.86 -19.35
C ALA D 135 2.69 37.03 -18.43
N ALA D 136 3.44 37.13 -17.32
CA ALA D 136 3.29 38.13 -16.26
C ALA D 136 1.85 38.16 -15.71
N GLN D 137 1.08 39.25 -15.88
CA GLN D 137 -0.31 39.42 -15.43
C GLN D 137 -0.67 39.38 -13.95
N THR D 138 -0.80 40.58 -13.44
CA THR D 138 -1.39 40.77 -12.14
C THR D 138 -2.54 41.65 -12.61
N ASN D 139 -3.70 40.97 -12.80
CA ASN D 139 -4.94 41.57 -13.30
C ASN D 139 -5.99 42.04 -12.26
N SER D 140 -6.53 41.10 -11.52
CA SER D 140 -7.62 41.30 -10.57
C SER D 140 -7.87 39.94 -9.95
N MET D 141 -7.64 38.96 -10.80
CA MET D 141 -7.86 37.56 -10.57
C MET D 141 -6.55 36.89 -10.94
N VAL D 142 -5.84 36.21 -10.04
CA VAL D 142 -4.73 35.35 -10.46
C VAL D 142 -5.05 33.89 -10.14
N THR D 143 -4.55 33.04 -11.02
CA THR D 143 -4.72 31.62 -10.96
C THR D 143 -3.42 30.96 -10.51
N LEU D 144 -3.62 30.10 -9.53
CA LEU D 144 -2.57 29.29 -8.95
C LEU D 144 -3.01 27.87 -9.19
N GLY D 145 -2.23 26.89 -8.80
CA GLY D 145 -2.61 25.48 -8.84
C GLY D 145 -1.59 24.58 -8.17
N CYS D 146 -1.80 23.27 -8.11
CA CYS D 146 -0.69 22.43 -7.73
C CYS D 146 -0.86 21.08 -8.38
N LEU D 147 0.22 20.42 -8.80
CA LEU D 147 0.27 19.17 -9.58
C LEU D 147 0.51 17.96 -8.65
N VAL D 148 -0.19 16.85 -8.88
CA VAL D 148 -0.15 15.70 -8.02
C VAL D 148 0.23 14.65 -9.04
N LYS D 149 1.52 14.32 -9.05
CA LYS D 149 2.13 13.46 -10.04
C LYS D 149 2.81 12.24 -9.43
N GLY D 150 2.51 11.11 -10.06
CA GLY D 150 3.09 9.82 -9.73
C GLY D 150 2.44 9.10 -8.58
N TYR D 151 1.19 8.65 -8.69
CA TYR D 151 0.53 7.98 -7.57
C TYR D 151 -0.31 6.83 -8.05
N PHE D 152 -0.51 5.83 -7.18
CA PHE D 152 -1.26 4.63 -7.48
C PHE D 152 -1.85 4.09 -6.20
N PRO D 153 -3.09 3.62 -6.10
CA PRO D 153 -4.13 3.83 -7.10
C PRO D 153 -4.93 5.09 -6.86
N GLU D 154 -6.05 5.21 -7.57
CA GLU D 154 -6.98 6.31 -7.35
C GLU D 154 -7.60 6.09 -5.98
N PRO D 155 -8.19 7.01 -5.25
CA PRO D 155 -8.26 8.43 -5.54
C PRO D 155 -7.35 9.28 -4.67
N VAL D 156 -7.35 10.58 -4.86
CA VAL D 156 -6.52 11.48 -4.09
C VAL D 156 -7.48 12.63 -3.73
N THR D 157 -7.26 13.44 -2.71
CA THR D 157 -8.16 14.54 -2.43
C THR D 157 -7.37 15.82 -2.36
N VAL D 158 -7.90 16.78 -3.10
CA VAL D 158 -7.29 18.08 -3.20
C VAL D 158 -8.40 18.99 -2.75
N THR D 159 -8.06 19.75 -1.74
CA THR D 159 -8.91 20.78 -1.20
C THR D 159 -7.94 21.96 -1.13
N TRP D 160 -8.38 23.20 -0.88
CA TRP D 160 -7.45 24.32 -0.88
C TRP D 160 -7.71 25.04 0.39
N ASN D 161 -6.66 25.51 1.03
CA ASN D 161 -6.76 26.16 2.31
C ASN D 161 -7.71 25.44 3.29
N SER D 162 -7.39 24.16 3.41
CA SER D 162 -8.17 23.27 4.25
C SER D 162 -9.66 23.25 3.91
N GLY D 163 -10.08 23.63 2.71
CA GLY D 163 -11.49 23.64 2.36
C GLY D 163 -12.08 25.02 2.51
N SER D 164 -11.43 25.94 3.21
CA SER D 164 -11.95 27.28 3.35
C SER D 164 -11.65 28.15 2.11
N LEU D 165 -11.49 27.54 0.92
CA LEU D 165 -11.20 28.21 -0.34
C LEU D 165 -11.60 27.12 -1.35
N SER D 166 -12.86 27.33 -1.65
CA SER D 166 -13.70 26.47 -2.46
C SER D 166 -14.33 27.26 -3.60
N SER D 167 -13.77 28.46 -3.78
CA SER D 167 -14.23 29.48 -4.71
C SER D 167 -14.32 28.93 -6.11
N GLY D 168 -13.26 29.04 -6.89
CA GLY D 168 -13.30 28.62 -8.27
C GLY D 168 -12.19 27.62 -8.49
N VAL D 169 -12.19 26.55 -7.70
CA VAL D 169 -11.12 25.59 -7.90
C VAL D 169 -11.59 24.69 -9.03
N HIS D 170 -10.69 24.21 -9.87
CA HIS D 170 -11.04 23.24 -10.88
C HIS D 170 -10.12 22.06 -10.68
N THR D 171 -10.61 20.87 -10.44
CA THR D 171 -9.73 19.72 -10.33
C THR D 171 -10.06 18.85 -11.55
N PHE D 172 -9.02 18.56 -12.30
CA PHE D 172 -9.10 17.79 -13.51
C PHE D 172 -9.01 16.29 -13.21
N PRO D 173 -9.64 15.46 -14.03
CA PRO D 173 -9.40 14.03 -14.06
C PRO D 173 -7.98 13.50 -14.15
N ALA D 174 -7.69 12.53 -13.28
CA ALA D 174 -6.41 11.87 -13.26
C ALA D 174 -6.26 11.07 -14.54
N VAL D 175 -5.09 10.98 -15.14
CA VAL D 175 -4.92 10.13 -16.29
C VAL D 175 -3.66 9.29 -16.06
N LEU D 176 -3.62 8.04 -16.57
CA LEU D 176 -2.49 7.14 -16.45
C LEU D 176 -1.36 7.39 -17.43
N GLN D 177 -0.14 7.50 -16.92
CA GLN D 177 1.03 7.70 -17.76
C GLN D 177 1.76 6.34 -17.68
N SER D 178 2.97 6.27 -17.10
CA SER D 178 3.73 5.04 -16.92
C SER D 178 3.12 4.27 -15.74
N ASP D 179 1.96 3.67 -16.05
CA ASP D 179 1.10 2.95 -15.14
C ASP D 179 0.66 3.68 -13.88
N LEU D 180 0.87 4.99 -13.85
CA LEU D 180 0.62 5.83 -12.71
C LEU D 180 -0.25 7.05 -12.98
N TYR D 181 -0.98 7.50 -11.99
CA TYR D 181 -1.89 8.60 -12.12
C TYR D 181 -1.26 9.99 -12.05
N THR D 182 -1.95 11.02 -12.56
CA THR D 182 -1.53 12.41 -12.49
C THR D 182 -2.80 13.28 -12.54
N LEU D 183 -2.90 14.28 -11.68
CA LEU D 183 -4.09 15.08 -11.40
C LEU D 183 -3.51 16.44 -11.01
N SER D 184 -4.20 17.54 -11.35
CA SER D 184 -3.75 18.91 -11.08
C SER D 184 -4.99 19.74 -10.85
N SER D 185 -4.92 20.76 -10.02
CA SER D 185 -6.06 21.52 -9.61
C SER D 185 -5.73 22.97 -9.74
N SER D 186 -6.60 23.81 -10.25
CA SER D 186 -6.34 25.23 -10.25
C SER D 186 -7.28 25.88 -9.25
N VAL D 187 -6.97 27.11 -8.90
CA VAL D 187 -7.73 27.92 -8.01
C VAL D 187 -7.46 29.33 -8.54
N THR D 188 -8.34 30.24 -8.25
CA THR D 188 -8.28 31.59 -8.73
C THR D 188 -8.63 32.39 -7.51
N VAL D 189 -7.73 33.30 -7.18
CA VAL D 189 -7.88 34.16 -6.04
C VAL D 189 -7.77 35.57 -6.58
N PRO D 190 -8.46 36.55 -6.01
CA PRO D 190 -8.15 37.94 -6.18
C PRO D 190 -6.70 38.21 -5.93
N SER D 191 -6.16 38.97 -6.87
CA SER D 191 -4.78 39.37 -6.96
C SER D 191 -4.26 39.98 -5.70
N SER D 192 -5.10 40.58 -4.88
CA SER D 192 -4.70 41.20 -3.64
C SER D 192 -4.42 40.26 -2.49
N PRO D 193 -5.02 39.06 -2.36
CA PRO D 193 -4.49 37.98 -1.56
C PRO D 193 -3.31 37.21 -2.07
N ARG D 194 -3.15 37.08 -3.41
CA ARG D 194 -2.26 36.13 -4.08
C ARG D 194 -1.09 35.92 -3.23
N PRO D 195 -0.27 36.90 -2.84
CA PRO D 195 0.86 36.58 -1.96
C PRO D 195 0.67 36.85 -0.47
N SER D 196 -0.11 37.90 -0.20
CA SER D 196 -0.31 38.48 1.11
C SER D 196 -1.04 37.59 2.06
N GLU D 197 -1.81 36.68 1.50
CA GLU D 197 -2.54 35.72 2.27
C GLU D 197 -1.99 34.45 1.63
N THR D 198 -1.78 33.43 2.43
CA THR D 198 -1.16 32.19 1.98
C THR D 198 -2.18 31.24 1.30
N VAL D 199 -1.96 30.72 0.08
CA VAL D 199 -2.86 29.72 -0.55
C VAL D 199 -2.06 28.44 -0.50
N THR D 200 -2.68 27.38 -0.06
CA THR D 200 -1.99 26.13 0.07
C THR D 200 -2.90 24.99 -0.38
N CYS D 201 -2.42 24.06 -1.20
CA CYS D 201 -3.30 22.95 -1.56
C CYS D 201 -2.84 21.79 -0.71
N ASN D 202 -3.81 20.98 -0.39
CA ASN D 202 -3.59 19.94 0.57
C ASN D 202 -3.91 18.68 -0.20
N VAL D 203 -3.03 17.70 -0.27
CA VAL D 203 -3.35 16.51 -1.00
C VAL D 203 -3.46 15.40 0.02
N ALA D 204 -4.36 14.44 -0.18
CA ALA D 204 -4.37 13.25 0.64
C ALA D 204 -4.43 12.05 -0.28
N HIS D 205 -3.53 11.08 -0.22
CA HIS D 205 -3.67 9.86 -1.00
C HIS D 205 -4.08 8.90 0.10
N PRO D 206 -5.31 8.39 0.28
CA PRO D 206 -5.61 7.41 1.30
C PRO D 206 -4.86 6.09 1.14
N ALA D 207 -4.90 5.41 -0.01
CA ALA D 207 -4.19 4.15 -0.18
C ALA D 207 -2.80 4.02 0.45
N SER D 208 -2.00 5.08 0.61
CA SER D 208 -0.71 5.05 1.31
C SER D 208 -0.96 6.22 2.22
N SER D 209 -1.16 6.14 3.53
CA SER D 209 -1.55 7.31 4.30
C SER D 209 -0.60 8.48 4.23
N THR D 210 -0.85 9.25 3.20
CA THR D 210 -0.06 10.38 2.81
C THR D 210 -0.97 11.60 2.87
N LYS D 211 -0.41 12.67 3.40
CA LYS D 211 -1.11 13.91 3.58
C LYS D 211 0.01 14.89 3.37
N VAL D 212 -0.17 15.77 2.41
CA VAL D 212 0.86 16.71 2.06
C VAL D 212 0.15 18.05 1.97
N ASP D 213 0.82 19.16 2.27
CA ASP D 213 0.25 20.49 2.11
C ASP D 213 1.34 21.24 1.40
N LYS D 214 1.08 21.96 0.32
CA LYS D 214 2.16 22.69 -0.32
C LYS D 214 1.84 24.17 -0.32
N LYS D 215 2.64 25.06 0.32
CA LYS D 215 2.34 26.49 0.29
C LYS D 215 2.68 26.91 -1.12
N ILE D 216 1.76 27.57 -1.83
CA ILE D 216 2.10 28.05 -3.14
C ILE D 216 2.80 29.36 -2.83
N VAL D 217 4.08 29.48 -3.18
CA VAL D 217 4.79 30.73 -3.00
C VAL D 217 5.39 31.04 -4.37
N PRO D 218 5.56 32.34 -4.65
CA PRO D 218 6.03 32.84 -5.95
C PRO D 218 7.48 32.51 -6.21
#